data_1TKD
#
_entry.id   1TKD
#
_cell.length_a   105.514
_cell.length_b   215.112
_cell.length_c   52.035
_cell.angle_alpha   90.00
_cell.angle_beta   90.00
_cell.angle_gamma   90.00
#
_symmetry.space_group_name_H-M   'P 21 21 2'
#
loop_
_entity.id
_entity.type
_entity.pdbx_description
1 polymer "DNA (5'-D(*CP*GP*AP*AP*AP*AP*CP*GP*AP*CP*GP*GP*CP*CP*AP*GP*TP*GP*CP*CP*AP*(DOC))-3')"
2 polymer "DNA (5'-D(*CP*CP*CP*AP*(8OG)P*TP*GP*GP*CP*AP*CP*TP*GP*GP*CP*CP*GP*TP*CP*GP*TP*TP*TP*TP*CP*G)-3')"
3 polymer 'DNA polymerase'
4 polymer 'Thioredoxin 1'
5 non-polymer 'MAGNESIUM ION'
6 non-polymer 'SULFATE ION'
7 non-polymer "2',3'-DIDEOXY-THYMIDINE-5'-TRIPHOSPHATE"
8 non-polymer '2-(N-MORPHOLINO)-ETHANESULFONIC ACID'
9 non-polymer 'PENTAETHYLENE GLYCOL'
10 water water
#
loop_
_entity_poly.entity_id
_entity_poly.type
_entity_poly.pdbx_seq_one_letter_code
_entity_poly.pdbx_strand_id
1 'polydeoxyribonucleotide'
;(DC)(DG)(DA)(DA)(DA)(DA)(DC)(DG)(DA)(DC)(DG)(DG)(DC)(DC)(DA)(DG)(DT)(DG)(DC)(DC)
(DA)(DOC)
;
P
2 'polydeoxyribonucleotide'
;(DC)(DC)(DC)(DA)(8OG)(DT)(DG)(DG)(DC)(DA)(DC)(DT)(DG)(DG)(DC)(DC)(DG)(DT)(DC)
(DG)(DT)(DT)(DT)(DT)(DC)(DG)
;
T
3 'polypeptide(L)'
;MIVSDIEANALLESVTKFHCGVIYDYSTAEYVSYRPSDFGAYLDALEAEVARGGLIVFHNGHKYDVPALTKLAKLQLNRE
FHLPRENCIDTLVLSRLIHSNLKDTDMGLLRSGKLPGALEAWGYRLGEMKGEYKDDFKRMLEEQGEEYVDGMEWWNFNEE
MMDYNVQDVVVTKALLEKLLSDKHYFPPEIDFTDVGYTTFWSESLEAVDIEHRAAWLLAKQERNGFPFDTKAIEELYVEL
AARRSELLRKLTETFGSWYQPKGGTEMFCHPRTGKPLPKYPRIKTPKVGGIFKKPKNKAQREGREPCELDTREYVAGAPY
TPVEHVVFNPSSRDHIQKKLQEAGWVPTKYTDKGAPVVDDEVLEGVRVDDPEKQAAIDLIKEYLMIQKRIGQSAEGDKAW
LRYVAEDGKIHGSVNPNGAVTGRATHAFPNLAQIPGVRSPYGEQCRAAFGAEHHLDGITGKPWVQAGIDASGLELRCLAH
FMARFDNGEYAHEILNGDIHTKNQIAAELPTRDNAKTFIYGFLYGAGDEKIGQIVGAGKERGKELKKKFLENTPAIAALR
ESIQQTLVESSQWVAGEQQVKWKRRWIKGLDGRKVHVRSPHAALNTLLQSAGALICKLWIIKTEEMLVEKGLKHGWDGDF
AYMAWVHDEIQVGCRTEEIAQVVIETAQEAMRWVGDHWNFRCLLDTEGKMGPNWAICH
;
A
4 'polypeptide(L)'
;SDKIIHLTDDSFDTDVLKADGAILVDFWAEWCGPCKMIAPILDEIADEYQGKLTVAKLNIDQNPGTAPKYGIRGIPTLLL
FKNGEVAATKVGALSKGQLKEFLDANLA
;
B
#
loop_
_chem_comp.id
_chem_comp.type
_chem_comp.name
_chem_comp.formula
1PE non-polymer 'PENTAETHYLENE GLYCOL' 'C10 H22 O6'
8OG DNA linking 8-OXO-2'-DEOXY-GUANOSINE-5'-MONOPHOSPHATE 'C10 H14 N5 O8 P'
D3T DNA OH 3 prime terminus 2',3'-DIDEOXY-THYMIDINE-5'-TRIPHOSPHATE 'C10 H17 N2 O13 P3'
DA DNA linking 2'-DEOXYADENOSINE-5'-MONOPHOSPHATE 'C10 H14 N5 O6 P'
DC DNA linking 2'-DEOXYCYTIDINE-5'-MONOPHOSPHATE 'C9 H14 N3 O7 P'
DG DNA linking 2'-DEOXYGUANOSINE-5'-MONOPHOSPHATE 'C10 H14 N5 O7 P'
DOC DNA linking 2',3'-DIDEOXYCYTIDINE-5'-MONOPHOSPHATE 'C9 H14 N3 O6 P'
DT DNA linking THYMIDINE-5'-MONOPHOSPHATE 'C10 H15 N2 O8 P'
MES non-polymer '2-(N-MORPHOLINO)-ETHANESULFONIC ACID' 'C6 H13 N O4 S'
MG non-polymer 'MAGNESIUM ION' 'Mg 2'
SO4 non-polymer 'SULFATE ION' 'O4 S -2'
#
# COMPACT_ATOMS: atom_id res chain seq x y z
N1 DOC A 22 1.55 15.85 -0.37
C2 DOC A 22 0.47 15.78 -1.25
N3 DOC A 22 -0.78 15.71 -0.77
C4 DOC A 22 -0.99 15.73 0.55
C5 DOC A 22 0.09 15.83 1.47
C6 DOC A 22 1.32 15.89 0.98
O2 DOC A 22 0.69 15.79 -2.48
N4 DOC A 22 -2.24 15.64 1.00
C1' DOC A 22 2.92 15.88 -0.92
C2' DOC A 22 3.45 17.28 -1.21
C3' DOC A 22 4.30 17.56 0.02
C4' DOC A 22 4.87 16.20 0.32
O4' DOC A 22 3.80 15.27 0.01
C5' DOC A 22 5.39 15.96 1.72
O5' DOC A 22 4.41 16.30 2.70
P DOC A 22 4.61 15.88 4.22
OP1 DOC A 22 5.98 16.27 4.66
OP2 DOC A 22 3.44 16.30 5.00
P 8OG B 5 -11.11 15.88 -8.47
OP1 8OG B 5 -11.88 16.38 -9.64
OP2 8OG B 5 -11.52 14.61 -7.80
O5' 8OG B 5 -9.58 15.72 -8.88
C5' 8OG B 5 -8.55 16.23 -8.05
C4' 8OG B 5 -7.19 15.79 -8.54
O4' 8OG B 5 -6.24 16.31 -7.58
C3' 8OG B 5 -7.01 14.27 -8.57
O3' 8OG B 5 -6.38 13.76 -9.75
C2' 8OG B 5 -6.14 13.96 -7.36
C1' 8OG B 5 -5.47 15.27 -7.00
N9 8OG B 5 -5.48 15.43 -5.54
C8 8OG B 5 -6.55 15.31 -4.68
N7 8OG B 5 -6.20 15.35 -3.42
C5 8OG B 5 -4.82 15.53 -3.46
C6 8OG B 5 -3.91 15.63 -2.41
O6 8OG B 5 -4.13 15.55 -1.20
N1 8OG B 5 -2.61 15.81 -2.87
C2 8OG B 5 -2.25 15.90 -4.20
N2 8OG B 5 -0.95 16.05 -4.46
N3 8OG B 5 -3.11 15.81 -5.20
C4 8OG B 5 -4.37 15.63 -4.76
O8 8OG B 5 -7.70 15.14 -5.08
N MET C 1 25.00 3.39 -32.33
CA MET C 1 24.07 3.03 -31.22
C MET C 1 24.01 1.53 -31.01
N ILE C 2 24.05 1.10 -29.75
CA ILE C 2 23.96 -0.32 -29.46
C ILE C 2 22.89 -0.58 -28.41
N VAL C 3 22.30 -1.78 -28.44
CA VAL C 3 21.28 -2.16 -27.48
C VAL C 3 21.86 -3.35 -26.72
N SER C 4 21.77 -3.31 -25.39
CA SER C 4 22.33 -4.36 -24.58
C SER C 4 21.51 -4.70 -23.34
N ASP C 5 21.93 -5.75 -22.65
CA ASP C 5 21.27 -6.23 -21.44
C ASP C 5 22.17 -7.29 -20.84
N ILE C 6 22.10 -7.46 -19.52
CA ILE C 6 22.96 -8.46 -18.91
C ILE C 6 22.15 -9.38 -18.01
N GLU C 7 22.77 -10.50 -17.65
CA GLU C 7 22.16 -11.47 -16.77
C GLU C 7 23.20 -11.64 -15.66
N ALA C 8 22.79 -11.43 -14.43
CA ALA C 8 23.67 -11.56 -13.27
C ALA C 8 23.04 -12.49 -12.25
N ASN C 9 23.78 -12.83 -11.19
CA ASN C 9 23.29 -13.76 -10.17
C ASN C 9 22.43 -13.20 -9.06
N ALA C 10 22.20 -11.89 -9.03
CA ALA C 10 21.38 -11.33 -7.97
C ALA C 10 21.00 -9.88 -8.23
N LEU C 11 20.19 -9.32 -7.34
CA LEU C 11 19.81 -7.92 -7.46
C LEU C 11 21.07 -7.12 -7.15
N LEU C 12 21.07 -5.84 -7.49
CA LEU C 12 22.23 -4.98 -7.30
C LEU C 12 22.88 -5.08 -5.94
N GLU C 13 22.07 -5.01 -4.89
CA GLU C 13 22.57 -5.06 -3.52
C GLU C 13 23.58 -6.17 -3.25
N SER C 14 23.36 -7.35 -3.83
CA SER C 14 24.28 -8.45 -3.59
C SER C 14 24.78 -9.20 -4.81
N VAL C 15 24.71 -8.58 -5.98
CA VAL C 15 25.19 -9.25 -7.18
C VAL C 15 26.72 -9.41 -7.07
N THR C 16 27.21 -10.58 -7.47
CA THR C 16 28.66 -10.83 -7.42
C THR C 16 29.17 -11.55 -8.66
N LYS C 17 28.27 -11.90 -9.57
CA LYS C 17 28.69 -12.59 -10.78
C LYS C 17 27.90 -12.25 -12.03
N PHE C 18 28.63 -11.91 -13.08
CA PHE C 18 28.07 -11.59 -14.39
C PHE C 18 27.89 -12.95 -15.05
N HIS C 19 26.69 -13.26 -15.52
CA HIS C 19 26.49 -14.55 -16.18
C HIS C 19 26.70 -14.37 -17.68
N CYS C 20 25.99 -13.44 -18.28
CA CYS C 20 26.14 -13.19 -19.70
C CYS C 20 25.57 -11.85 -20.14
N GLY C 21 25.85 -11.51 -21.40
CA GLY C 21 25.37 -10.27 -21.96
C GLY C 21 25.16 -10.41 -23.45
N VAL C 22 24.37 -9.50 -24.00
CA VAL C 22 24.08 -9.49 -25.41
C VAL C 22 24.19 -8.07 -25.89
N ILE C 23 24.74 -7.90 -27.09
CA ILE C 23 24.86 -6.58 -27.67
C ILE C 23 24.41 -6.58 -29.11
N TYR C 24 23.52 -5.64 -29.43
CA TYR C 24 23.05 -5.48 -30.78
C TYR C 24 23.59 -4.15 -31.24
N ASP C 25 24.44 -4.18 -32.27
CA ASP C 25 25.03 -2.98 -32.81
C ASP C 25 24.28 -2.55 -34.07
N TYR C 26 23.75 -1.33 -34.07
CA TYR C 26 23.03 -0.82 -35.23
C TYR C 26 23.93 -0.63 -36.45
N SER C 27 25.21 -0.44 -36.23
CA SER C 27 26.13 -0.23 -37.35
C SER C 27 26.38 -1.53 -38.11
N THR C 28 26.35 -2.67 -37.41
CA THR C 28 26.58 -3.97 -38.03
C THR C 28 25.28 -4.74 -38.22
N ALA C 29 24.22 -4.30 -37.53
CA ALA C 29 22.93 -4.95 -37.61
C ALA C 29 23.09 -6.41 -37.17
N GLU C 30 23.86 -6.62 -36.11
CA GLU C 30 24.10 -7.96 -35.62
C GLU C 30 24.09 -8.10 -34.09
N TYR C 31 23.76 -9.30 -33.62
CA TYR C 31 23.75 -9.57 -32.20
C TYR C 31 25.00 -10.35 -31.86
N VAL C 32 25.58 -10.06 -30.70
CA VAL C 32 26.77 -10.75 -30.22
C VAL C 32 26.53 -11.16 -28.76
N SER C 33 26.74 -12.44 -28.48
CA SER C 33 26.54 -12.96 -27.13
C SER C 33 27.86 -13.07 -26.39
N TYR C 34 27.83 -12.73 -25.10
CA TYR C 34 29.01 -12.83 -24.26
C TYR C 34 28.66 -13.75 -23.11
N ARG C 35 29.47 -14.78 -22.93
CA ARG C 35 29.23 -15.74 -21.86
C ARG C 35 30.08 -15.35 -20.64
N PRO C 36 29.90 -16.05 -19.51
CA PRO C 36 30.70 -15.65 -18.34
C PRO C 36 32.18 -15.35 -18.51
N SER C 37 32.88 -16.06 -19.39
CA SER C 37 34.30 -15.76 -19.55
C SER C 37 34.55 -14.64 -20.56
N ASP C 38 33.46 -14.13 -21.15
CA ASP C 38 33.56 -13.05 -22.13
C ASP C 38 33.28 -11.69 -21.47
N PHE C 39 33.17 -11.68 -20.15
CA PHE C 39 32.86 -10.45 -19.42
C PHE C 39 33.75 -9.27 -19.80
N GLY C 40 35.06 -9.47 -19.81
CA GLY C 40 35.96 -8.39 -20.16
C GLY C 40 35.68 -7.87 -21.56
N ALA C 41 35.43 -8.79 -22.49
CA ALA C 41 35.15 -8.43 -23.88
C ALA C 41 33.85 -7.64 -23.94
N TYR C 42 32.88 -8.04 -23.14
CA TYR C 42 31.60 -7.35 -23.11
C TYR C 42 31.82 -5.90 -22.68
N LEU C 43 32.55 -5.71 -21.60
CA LEU C 43 32.83 -4.37 -21.10
C LEU C 43 33.57 -3.54 -22.15
N ASP C 44 34.54 -4.15 -22.82
CA ASP C 44 35.30 -3.44 -23.85
C ASP C 44 34.35 -2.95 -24.94
N ALA C 45 33.40 -3.79 -25.32
CA ALA C 45 32.45 -3.43 -26.35
C ALA C 45 31.64 -2.20 -25.92
N LEU C 46 31.31 -2.10 -24.64
CA LEU C 46 30.54 -0.94 -24.18
C LEU C 46 31.41 0.31 -24.21
N GLU C 47 32.64 0.22 -23.72
CA GLU C 47 33.52 1.38 -23.73
C GLU C 47 33.88 1.83 -25.15
N ALA C 48 33.90 0.90 -26.10
CA ALA C 48 34.22 1.26 -27.49
C ALA C 48 33.12 2.15 -28.05
N GLU C 49 31.88 1.89 -27.64
CA GLU C 49 30.75 2.67 -28.10
C GLU C 49 30.84 4.07 -27.48
N VAL C 50 31.29 4.14 -26.24
CA VAL C 50 31.46 5.43 -25.56
C VAL C 50 32.57 6.25 -26.23
N ALA C 51 33.70 5.61 -26.48
CA ALA C 51 34.84 6.31 -27.10
C ALA C 51 34.51 6.79 -28.50
N ARG C 52 33.49 6.18 -29.10
CA ARG C 52 33.05 6.51 -30.44
C ARG C 52 32.03 7.66 -30.41
N GLY C 53 31.69 8.11 -29.20
CA GLY C 53 30.71 9.18 -29.06
C GLY C 53 29.31 8.64 -29.29
N GLY C 54 29.18 7.32 -29.23
CA GLY C 54 27.89 6.69 -29.46
C GLY C 54 26.99 6.58 -28.23
N LEU C 55 25.93 5.78 -28.39
CA LEU C 55 24.94 5.57 -27.35
C LEU C 55 24.72 4.10 -27.04
N ILE C 56 24.36 3.84 -25.79
CA ILE C 56 24.11 2.48 -25.32
C ILE C 56 22.69 2.44 -24.76
N VAL C 57 21.88 1.50 -25.23
CA VAL C 57 20.51 1.38 -24.77
C VAL C 57 20.26 0.15 -23.91
N PHE C 58 19.68 0.38 -22.73
CA PHE C 58 19.35 -0.71 -21.82
C PHE C 58 17.90 -0.49 -21.47
N HIS C 59 17.26 -1.52 -20.94
CA HIS C 59 15.89 -1.39 -20.47
C HIS C 59 16.08 -1.53 -18.96
N ASN C 60 16.02 -0.41 -18.26
CA ASN C 60 16.18 -0.34 -16.81
C ASN C 60 17.66 -0.38 -16.42
N GLY C 61 18.51 -0.04 -17.37
CA GLY C 61 19.95 -0.05 -17.12
C GLY C 61 20.37 1.02 -16.14
N HIS C 62 19.69 2.17 -16.14
CA HIS C 62 20.05 3.24 -15.22
C HIS C 62 20.06 2.75 -13.77
N LYS C 63 19.07 1.97 -13.40
CA LYS C 63 19.00 1.47 -12.03
C LYS C 63 19.73 0.16 -11.81
N TYR C 64 19.78 -0.68 -12.84
CA TYR C 64 20.43 -1.96 -12.67
C TYR C 64 21.74 -2.21 -13.44
N ASP C 65 21.62 -2.52 -14.73
CA ASP C 65 22.78 -2.84 -15.55
C ASP C 65 24.02 -1.97 -15.41
N VAL C 66 23.86 -0.65 -15.57
CA VAL C 66 24.99 0.26 -15.46
C VAL C 66 25.72 0.16 -14.12
N PRO C 67 25.00 0.36 -13.00
CA PRO C 67 25.66 0.27 -11.69
C PRO C 67 26.18 -1.15 -11.43
N ALA C 68 25.41 -2.15 -11.88
CA ALA C 68 25.78 -3.55 -11.71
C ALA C 68 27.11 -3.87 -12.36
N LEU C 69 27.31 -3.36 -13.56
CA LEU C 69 28.54 -3.60 -14.29
C LEU C 69 29.71 -2.94 -13.56
N THR C 70 29.47 -1.74 -13.04
CA THR C 70 30.53 -1.06 -12.32
C THR C 70 30.97 -1.95 -11.15
N LYS C 71 29.99 -2.47 -10.43
CA LYS C 71 30.26 -3.33 -9.28
C LYS C 71 30.94 -4.65 -9.68
N LEU C 72 30.36 -5.35 -10.64
CA LEU C 72 30.91 -6.62 -11.08
C LEU C 72 32.32 -6.47 -11.67
N ALA C 73 32.55 -5.36 -12.38
CA ALA C 73 33.84 -5.12 -12.99
C ALA C 73 34.92 -5.03 -11.91
N LYS C 74 34.58 -4.41 -10.79
CA LYS C 74 35.54 -4.26 -9.71
C LYS C 74 35.77 -5.58 -8.99
N LEU C 75 34.70 -6.31 -8.72
CA LEU C 75 34.81 -7.59 -8.03
C LEU C 75 35.47 -8.70 -8.85
N GLN C 76 34.95 -8.93 -10.05
CA GLN C 76 35.47 -10.00 -10.88
C GLN C 76 36.76 -9.75 -11.63
N LEU C 77 36.93 -8.56 -12.19
CA LEU C 77 38.12 -8.23 -12.96
C LEU C 77 38.98 -7.16 -12.32
N ASN C 78 38.55 -6.68 -11.15
CA ASN C 78 39.29 -5.62 -10.48
C ASN C 78 39.57 -4.52 -11.49
N ARG C 79 38.50 -4.10 -12.19
CA ARG C 79 38.57 -3.07 -13.21
C ARG C 79 37.63 -1.92 -12.86
N GLU C 80 38.03 -0.71 -13.23
CA GLU C 80 37.20 0.48 -13.00
C GLU C 80 36.35 0.62 -14.26
N PHE C 81 35.03 0.58 -14.10
CA PHE C 81 34.12 0.70 -15.23
C PHE C 81 33.02 1.68 -14.86
N HIS C 82 32.89 2.76 -15.62
CA HIS C 82 31.88 3.78 -15.33
C HIS C 82 31.31 4.40 -16.61
N LEU C 83 30.25 3.81 -17.17
CA LEU C 83 29.66 4.37 -18.38
C LEU C 83 29.19 5.78 -18.06
N PRO C 84 29.50 6.76 -18.92
CA PRO C 84 29.05 8.12 -18.63
C PRO C 84 27.54 8.24 -18.81
N ARG C 85 26.94 9.08 -17.99
CA ARG C 85 25.50 9.30 -18.01
C ARG C 85 24.97 9.70 -19.38
N GLU C 86 25.68 10.59 -20.07
CA GLU C 86 25.26 11.07 -21.39
C GLU C 86 25.31 10.05 -22.50
N ASN C 87 25.94 8.90 -22.25
CA ASN C 87 26.02 7.86 -23.27
C ASN C 87 24.94 6.78 -23.08
N CYS C 88 24.15 6.91 -22.03
CA CYS C 88 23.13 5.91 -21.75
C CYS C 88 21.68 6.30 -21.98
N ILE C 89 20.91 5.32 -22.44
CA ILE C 89 19.50 5.49 -22.70
C ILE C 89 18.77 4.33 -22.01
N ASP C 90 17.65 4.64 -21.39
CA ASP C 90 16.87 3.62 -20.70
C ASP C 90 15.47 3.60 -21.33
N THR C 91 15.11 2.49 -21.98
CA THR C 91 13.79 2.39 -22.60
C THR C 91 12.67 2.42 -21.59
N LEU C 92 12.97 2.04 -20.34
CA LEU C 92 11.95 2.06 -19.29
C LEU C 92 11.68 3.52 -18.92
N VAL C 93 12.73 4.33 -18.92
CA VAL C 93 12.60 5.74 -18.60
C VAL C 93 11.82 6.40 -19.75
N LEU C 94 12.18 6.05 -20.97
CA LEU C 94 11.52 6.60 -22.15
C LEU C 94 10.07 6.20 -22.17
N SER C 95 9.82 4.93 -21.88
CA SER C 95 8.48 4.40 -21.89
C SER C 95 7.59 5.01 -20.80
N ARG C 96 8.20 5.39 -19.68
CA ARG C 96 7.43 5.97 -18.60
C ARG C 96 7.14 7.44 -18.85
N LEU C 97 7.84 8.01 -19.83
CA LEU C 97 7.62 9.41 -20.18
C LEU C 97 6.59 9.49 -21.28
N ILE C 98 6.79 8.70 -22.33
CA ILE C 98 5.89 8.68 -23.47
C ILE C 98 4.53 8.05 -23.15
N HIS C 99 4.53 6.97 -22.38
CA HIS C 99 3.28 6.30 -21.99
C HIS C 99 3.03 6.57 -20.51
N SER C 100 3.10 7.83 -20.12
CA SER C 100 2.90 8.21 -18.71
C SER C 100 1.50 7.98 -18.15
N ASN C 101 0.53 7.80 -19.04
CA ASN C 101 -0.84 7.57 -18.62
C ASN C 101 -1.01 6.10 -18.22
N LEU C 102 -0.01 5.29 -18.55
CA LEU C 102 -0.05 3.87 -18.24
C LEU C 102 0.78 3.48 -17.02
N LYS C 103 0.47 2.32 -16.45
CA LYS C 103 1.19 1.81 -15.30
C LYS C 103 2.11 0.71 -15.82
N ASP C 104 2.99 0.21 -14.96
CA ASP C 104 3.88 -0.88 -15.31
C ASP C 104 4.17 -1.65 -14.04
N THR C 105 4.70 -2.86 -14.18
CA THR C 105 4.98 -3.71 -13.03
C THR C 105 6.27 -3.40 -12.31
N ASP C 106 6.88 -2.27 -12.68
CA ASP C 106 8.13 -1.86 -12.07
C ASP C 106 9.13 -3.00 -12.17
N MET C 107 9.14 -3.65 -13.33
CA MET C 107 10.02 -4.77 -13.62
C MET C 107 9.72 -6.02 -12.79
N GLY C 108 8.45 -6.39 -12.72
CA GLY C 108 8.08 -7.59 -11.97
C GLY C 108 7.99 -7.49 -10.47
N LEU C 109 8.12 -6.29 -9.90
CA LEU C 109 7.99 -6.16 -8.47
C LEU C 109 6.52 -6.09 -8.07
N LEU C 110 5.68 -5.71 -9.03
CA LEU C 110 4.25 -5.59 -8.80
C LEU C 110 3.53 -6.58 -9.72
N ARG C 111 2.52 -7.25 -9.19
CA ARG C 111 1.75 -8.21 -9.97
C ARG C 111 0.92 -7.44 -10.98
N SER C 112 1.12 -7.76 -12.27
CA SER C 112 0.39 -7.08 -13.34
C SER C 112 -1.12 -7.06 -13.13
N GLY C 113 -1.69 -8.20 -12.71
CA GLY C 113 -3.13 -8.28 -12.49
C GLY C 113 -3.71 -7.34 -11.46
N LYS C 114 -2.85 -6.74 -10.64
CA LYS C 114 -3.32 -5.84 -9.59
C LYS C 114 -3.35 -4.38 -10.07
N LEU C 115 -2.71 -4.10 -11.19
CA LEU C 115 -2.65 -2.74 -11.73
C LEU C 115 -3.87 -2.39 -12.60
N PRO C 116 -4.30 -1.12 -12.57
CA PRO C 116 -5.45 -0.66 -13.35
C PRO C 116 -5.03 -0.32 -14.79
N GLY C 117 -5.99 -0.27 -15.70
CA GLY C 117 -5.69 0.06 -17.09
C GLY C 117 -4.93 -0.99 -17.87
N ALA C 118 -4.32 -0.57 -18.97
CA ALA C 118 -3.56 -1.46 -19.83
C ALA C 118 -2.06 -1.35 -19.61
N LEU C 119 -1.30 -2.26 -20.24
CA LEU C 119 0.14 -2.24 -20.10
C LEU C 119 0.78 -2.36 -21.49
N GLU C 120 1.82 -1.56 -21.74
CA GLU C 120 2.52 -1.60 -23.03
C GLU C 120 3.06 -3.03 -23.19
N ALA C 121 2.84 -3.62 -24.35
CA ALA C 121 3.25 -5.01 -24.58
C ALA C 121 4.72 -5.37 -24.41
N TRP C 122 5.61 -4.70 -25.15
CA TRP C 122 7.04 -4.98 -25.08
C TRP C 122 7.55 -4.82 -23.66
N GLY C 123 7.10 -3.76 -22.99
CA GLY C 123 7.52 -3.52 -21.62
C GLY C 123 7.02 -4.62 -20.71
N TYR C 124 5.79 -5.09 -20.96
CA TYR C 124 5.23 -6.15 -20.15
C TYR C 124 6.14 -7.36 -20.26
N ARG C 125 6.51 -7.68 -21.49
CA ARG C 125 7.39 -8.81 -21.78
C ARG C 125 8.68 -8.74 -20.98
N LEU C 126 9.39 -7.63 -21.12
CA LEU C 126 10.66 -7.44 -20.44
C LEU C 126 10.47 -7.54 -18.93
N GLY C 127 9.39 -6.95 -18.44
CA GLY C 127 9.12 -6.99 -17.01
C GLY C 127 8.79 -8.37 -16.47
N GLU C 128 8.44 -9.30 -17.36
CA GLU C 128 8.09 -10.65 -16.93
C GLU C 128 9.14 -11.71 -17.24
N MET C 129 10.23 -11.30 -17.87
CA MET C 129 11.28 -12.26 -18.24
C MET C 129 11.80 -13.09 -17.07
N LYS C 130 12.10 -12.45 -15.94
CA LYS C 130 12.60 -13.19 -14.80
C LYS C 130 11.60 -14.24 -14.35
N GLY C 131 10.32 -13.88 -14.34
CA GLY C 131 9.29 -14.80 -13.93
C GLY C 131 9.13 -15.97 -14.89
N GLU C 132 9.14 -15.68 -16.19
CA GLU C 132 9.00 -16.72 -17.19
C GLU C 132 10.22 -17.62 -17.23
N TYR C 133 11.40 -17.04 -16.99
CA TYR C 133 12.63 -17.81 -16.99
C TYR C 133 12.58 -18.81 -15.85
N LYS C 134 12.18 -18.33 -14.68
CA LYS C 134 12.08 -19.18 -13.51
C LYS C 134 11.08 -20.32 -13.77
N ASP C 135 9.95 -20.01 -14.41
CA ASP C 135 8.97 -21.05 -14.71
C ASP C 135 9.60 -22.10 -15.62
N ASP C 136 10.26 -21.67 -16.68
CA ASP C 136 10.92 -22.60 -17.59
C ASP C 136 11.90 -23.47 -16.83
N PHE C 137 12.79 -22.82 -16.08
CA PHE C 137 13.81 -23.51 -15.31
C PHE C 137 13.20 -24.55 -14.36
N LYS C 138 12.14 -24.16 -13.67
CA LYS C 138 11.48 -25.04 -12.72
C LYS C 138 10.88 -26.31 -13.31
N ARG C 139 10.21 -26.21 -14.44
CA ARG C 139 9.61 -27.41 -15.03
C ARG C 139 10.69 -28.33 -15.59
N MET C 140 11.70 -27.75 -16.22
CA MET C 140 12.79 -28.55 -16.77
C MET C 140 13.37 -29.45 -15.69
N LEU C 141 13.57 -28.90 -14.50
CA LEU C 141 14.11 -29.66 -13.39
C LEU C 141 13.19 -30.81 -13.03
N GLU C 142 11.92 -30.50 -12.81
CA GLU C 142 10.93 -31.51 -12.46
C GLU C 142 10.76 -32.55 -13.56
N GLU C 143 11.32 -32.27 -14.74
CA GLU C 143 11.25 -33.22 -15.84
C GLU C 143 12.45 -34.12 -15.68
N GLN C 144 13.39 -33.68 -14.84
CA GLN C 144 14.62 -34.43 -14.57
C GLN C 144 14.62 -35.06 -13.19
N GLY C 145 13.51 -34.93 -12.47
CA GLY C 145 13.42 -35.52 -11.14
C GLY C 145 14.02 -34.70 -10.02
N GLU C 146 14.97 -33.83 -10.37
CA GLU C 146 15.62 -32.98 -9.38
C GLU C 146 14.65 -31.95 -8.81
N GLU C 147 14.84 -31.58 -7.55
CA GLU C 147 13.96 -30.62 -6.91
C GLU C 147 14.37 -29.17 -7.21
N TYR C 148 13.47 -28.25 -6.94
CA TYR C 148 13.72 -26.83 -7.16
C TYR C 148 13.97 -26.16 -5.82
N VAL C 149 14.92 -25.23 -5.79
CA VAL C 149 15.25 -24.54 -4.55
C VAL C 149 15.14 -23.02 -4.66
N ASP C 150 14.71 -22.41 -3.55
CA ASP C 150 14.57 -20.96 -3.43
C ASP C 150 14.58 -20.25 -4.77
N GLY C 151 15.78 -19.92 -5.26
CA GLY C 151 15.88 -19.24 -6.54
C GLY C 151 17.13 -19.64 -7.30
N MET C 152 17.46 -20.93 -7.22
CA MET C 152 18.63 -21.47 -7.88
C MET C 152 18.78 -21.12 -9.36
N GLU C 153 17.70 -20.67 -10.00
CA GLU C 153 17.77 -20.34 -11.43
C GLU C 153 18.78 -19.22 -11.71
N TRP C 154 19.23 -18.52 -10.67
CA TRP C 154 20.17 -17.44 -10.86
C TRP C 154 21.57 -17.72 -10.34
N TRP C 155 21.75 -18.87 -9.69
CA TRP C 155 23.06 -19.21 -9.15
C TRP C 155 24.12 -19.48 -10.21
N ASN C 156 23.74 -20.16 -11.28
CA ASN C 156 24.70 -20.48 -12.34
C ASN C 156 24.23 -20.10 -13.73
N PHE C 157 25.19 -19.90 -14.63
CA PHE C 157 24.87 -19.55 -16.00
C PHE C 157 24.46 -20.83 -16.74
N ASN C 158 23.56 -20.68 -17.70
CA ASN C 158 23.11 -21.81 -18.52
C ASN C 158 22.59 -21.23 -19.83
N GLU C 159 22.41 -22.09 -20.83
CA GLU C 159 21.96 -21.64 -22.14
C GLU C 159 20.52 -21.10 -22.22
N GLU C 160 19.66 -21.47 -21.29
CA GLU C 160 18.30 -20.96 -21.31
C GLU C 160 18.41 -19.48 -20.95
N MET C 161 19.29 -19.19 -19.99
CA MET C 161 19.54 -17.83 -19.52
C MET C 161 20.03 -16.99 -20.68
N MET C 162 20.93 -17.56 -21.47
CA MET C 162 21.51 -16.90 -22.63
C MET C 162 20.41 -16.54 -23.63
N ASP C 163 19.55 -17.51 -23.94
CA ASP C 163 18.47 -17.28 -24.90
C ASP C 163 17.56 -16.14 -24.45
N TYR C 164 17.29 -16.10 -23.15
CA TYR C 164 16.45 -15.05 -22.60
C TYR C 164 17.17 -13.73 -22.70
N ASN C 165 18.47 -13.73 -22.44
CA ASN C 165 19.26 -12.53 -22.53
C ASN C 165 19.09 -11.98 -23.96
N VAL C 166 19.17 -12.86 -24.95
CA VAL C 166 19.02 -12.50 -26.35
C VAL C 166 17.62 -11.95 -26.63
N GLN C 167 16.60 -12.61 -26.09
CA GLN C 167 15.23 -12.15 -26.28
C GLN C 167 15.05 -10.74 -25.74
N ASP C 168 15.62 -10.46 -24.56
CA ASP C 168 15.50 -9.13 -23.98
C ASP C 168 15.97 -8.05 -24.96
N VAL C 169 17.14 -8.26 -25.56
CA VAL C 169 17.67 -7.26 -26.49
C VAL C 169 16.80 -7.09 -27.73
N VAL C 170 16.26 -8.17 -28.29
CA VAL C 170 15.41 -8.02 -29.47
C VAL C 170 14.13 -7.29 -29.08
N VAL C 171 13.59 -7.60 -27.90
CA VAL C 171 12.37 -6.92 -27.46
C VAL C 171 12.70 -5.47 -27.11
N THR C 172 13.83 -5.24 -26.46
CA THR C 172 14.23 -3.89 -26.10
C THR C 172 14.47 -3.05 -27.34
N LYS C 173 14.98 -3.69 -28.39
CA LYS C 173 15.25 -3.00 -29.65
C LYS C 173 13.93 -2.59 -30.29
N ALA C 174 12.92 -3.46 -30.19
CA ALA C 174 11.61 -3.15 -30.76
C ALA C 174 10.96 -2.02 -29.97
N LEU C 175 11.03 -2.12 -28.65
CA LEU C 175 10.45 -1.10 -27.77
C LEU C 175 11.08 0.25 -28.11
N LEU C 176 12.41 0.29 -28.19
CA LEU C 176 13.14 1.51 -28.51
C LEU C 176 12.61 2.15 -29.78
N GLU C 177 12.53 1.37 -30.85
CA GLU C 177 12.05 1.88 -32.13
C GLU C 177 10.59 2.33 -32.07
N LYS C 178 9.82 1.71 -31.17
CA LYS C 178 8.42 2.07 -31.01
C LYS C 178 8.35 3.45 -30.35
N LEU C 179 9.22 3.68 -29.38
CA LEU C 179 9.26 4.94 -28.67
C LEU C 179 9.83 6.06 -29.56
N LEU C 180 10.86 5.72 -30.34
CA LEU C 180 11.48 6.70 -31.23
C LEU C 180 10.55 7.16 -32.36
N SER C 181 9.53 6.37 -32.66
CA SER C 181 8.59 6.71 -33.72
C SER C 181 7.56 7.76 -33.28
N ASP C 182 7.59 8.13 -32.01
CA ASP C 182 6.64 9.12 -31.54
C ASP C 182 7.16 10.49 -31.99
N LYS C 183 6.51 11.08 -32.99
CA LYS C 183 6.91 12.38 -33.52
C LYS C 183 6.93 13.49 -32.49
N HIS C 184 6.12 13.37 -31.44
CA HIS C 184 6.08 14.42 -30.42
C HIS C 184 7.38 14.53 -29.64
N TYR C 185 8.04 13.40 -29.42
CA TYR C 185 9.29 13.43 -28.67
C TYR C 185 10.52 13.36 -29.56
N PHE C 186 10.38 12.74 -30.73
CA PHE C 186 11.51 12.62 -31.64
C PHE C 186 11.16 13.06 -33.07
N PRO C 187 11.79 14.15 -33.55
CA PRO C 187 11.56 14.70 -34.89
C PRO C 187 11.79 13.65 -35.97
N PRO C 188 10.78 13.42 -36.81
CA PRO C 188 10.81 12.44 -37.91
C PRO C 188 11.98 12.54 -38.87
N GLU C 189 12.49 13.75 -39.12
CA GLU C 189 13.60 13.94 -40.06
C GLU C 189 14.93 13.37 -39.60
N ILE C 190 15.01 12.98 -38.34
CA ILE C 190 16.25 12.45 -37.80
C ILE C 190 16.12 10.99 -37.41
N ASP C 191 17.08 10.17 -37.81
CA ASP C 191 17.09 8.75 -37.45
C ASP C 191 17.92 8.64 -36.18
N PHE C 192 17.25 8.70 -35.03
CA PHE C 192 17.92 8.65 -33.74
C PHE C 192 18.70 7.38 -33.42
N THR C 193 18.67 6.39 -34.31
CA THR C 193 19.43 5.17 -34.06
C THR C 193 20.76 5.33 -34.78
N ASP C 194 20.96 6.47 -35.41
CA ASP C 194 22.18 6.71 -36.15
C ASP C 194 22.76 8.11 -35.94
N VAL C 195 22.83 8.53 -34.68
CA VAL C 195 23.38 9.83 -34.32
C VAL C 195 24.17 9.74 -33.04
N GLY C 196 25.11 10.66 -32.85
CA GLY C 196 25.93 10.65 -31.64
C GLY C 196 25.07 11.06 -30.47
N TYR C 197 25.59 10.88 -29.25
CA TYR C 197 24.82 11.20 -28.07
C TYR C 197 24.44 12.68 -27.99
N THR C 198 25.36 13.56 -28.36
CA THR C 198 25.06 14.98 -28.30
C THR C 198 23.83 15.31 -29.16
N THR C 199 23.78 14.73 -30.36
CA THR C 199 22.64 14.96 -31.24
C THR C 199 21.36 14.39 -30.61
N PHE C 200 21.47 13.17 -30.09
CA PHE C 200 20.33 12.51 -29.47
C PHE C 200 19.64 13.38 -28.43
N TRP C 201 20.41 13.97 -27.52
CA TRP C 201 19.83 14.82 -26.47
C TRP C 201 19.38 16.18 -27.00
N SER C 202 20.20 16.80 -27.85
CA SER C 202 19.87 18.12 -28.36
C SER C 202 18.70 18.18 -29.36
N GLU C 203 18.56 17.15 -30.20
CA GLU C 203 17.48 17.12 -31.18
C GLU C 203 16.16 16.60 -30.63
N SER C 204 16.18 15.87 -29.52
CA SER C 204 14.95 15.36 -28.96
C SER C 204 14.34 16.37 -27.99
N LEU C 205 13.05 16.22 -27.73
CA LEU C 205 12.31 17.12 -26.83
C LEU C 205 13.05 17.20 -25.49
N GLU C 206 13.10 18.39 -24.91
CA GLU C 206 13.78 18.59 -23.63
C GLU C 206 13.44 17.48 -22.62
N ALA C 207 12.16 17.15 -22.51
CA ALA C 207 11.68 16.11 -21.60
C ALA C 207 12.50 14.82 -21.61
N VAL C 208 13.00 14.44 -22.77
CA VAL C 208 13.80 13.22 -22.87
C VAL C 208 15.10 13.34 -22.11
N ASP C 209 15.68 14.54 -22.15
CA ASP C 209 16.94 14.78 -21.46
C ASP C 209 16.72 14.87 -19.95
N ILE C 210 15.63 15.53 -19.56
CA ILE C 210 15.30 15.68 -18.16
C ILE C 210 15.00 14.34 -17.48
N GLU C 211 14.21 13.50 -18.15
CA GLU C 211 13.86 12.21 -17.58
C GLU C 211 15.09 11.34 -17.32
N HIS C 212 15.99 11.25 -18.29
CA HIS C 212 17.20 10.45 -18.12
C HIS C 212 18.12 11.02 -17.05
N ARG C 213 18.21 12.34 -16.92
CA ARG C 213 19.07 12.88 -15.87
C ARG C 213 18.41 12.61 -14.51
N ALA C 214 17.09 12.68 -14.46
CA ALA C 214 16.37 12.42 -13.22
C ALA C 214 16.57 10.97 -12.78
N ALA C 215 16.40 10.05 -13.72
CA ALA C 215 16.56 8.62 -13.41
C ALA C 215 17.98 8.29 -12.96
N TRP C 216 18.97 8.84 -13.65
CA TRP C 216 20.37 8.58 -13.30
C TRP C 216 20.68 9.11 -11.89
N LEU C 217 20.19 10.30 -11.58
CA LEU C 217 20.42 10.89 -10.26
C LEU C 217 19.68 10.11 -9.15
N LEU C 218 18.42 9.79 -9.40
CA LEU C 218 17.62 9.07 -8.43
C LEU C 218 18.10 7.64 -8.20
N ALA C 219 18.69 7.01 -9.22
CA ALA C 219 19.21 5.66 -9.04
C ALA C 219 20.28 5.78 -7.96
N LYS C 220 21.15 6.79 -8.13
CA LYS C 220 22.22 7.07 -7.18
C LYS C 220 21.69 7.29 -5.76
N GLN C 221 20.57 8.01 -5.64
CA GLN C 221 19.97 8.27 -4.34
C GLN C 221 19.56 6.95 -3.70
N GLU C 222 19.01 6.04 -4.51
CA GLU C 222 18.60 4.75 -4.01
C GLU C 222 19.82 4.01 -3.48
N ARG C 223 20.91 4.05 -4.23
CA ARG C 223 22.12 3.38 -3.79
C ARG C 223 22.61 4.00 -2.49
N ASN C 224 22.50 5.32 -2.36
CA ASN C 224 22.94 6.00 -1.14
C ASN C 224 22.13 5.49 0.05
N GLY C 225 20.81 5.45 -0.12
CA GLY C 225 19.94 5.01 0.96
C GLY C 225 19.76 6.13 1.98
N PHE C 226 18.84 5.93 2.91
CA PHE C 226 18.58 6.93 3.94
C PHE C 226 18.99 6.35 5.30
N PRO C 227 20.02 6.94 5.93
CA PRO C 227 20.51 6.47 7.24
C PRO C 227 19.32 6.33 8.22
N PHE C 228 19.15 5.11 8.74
CA PHE C 228 18.02 4.80 9.60
C PHE C 228 18.41 4.33 11.00
N ASP C 229 17.77 4.89 12.02
CA ASP C 229 18.06 4.51 13.41
C ASP C 229 17.26 3.25 13.81
N THR C 230 17.75 2.08 13.40
CA THR C 230 17.09 0.82 13.73
C THR C 230 16.76 0.68 15.20
N LYS C 231 17.72 0.99 16.07
CA LYS C 231 17.53 0.87 17.50
C LYS C 231 16.37 1.70 18.04
N ALA C 232 16.28 2.94 17.60
CA ALA C 232 15.22 3.82 18.07
C ALA C 232 13.84 3.36 17.60
N ILE C 233 13.77 2.74 16.43
CA ILE C 233 12.48 2.30 15.94
C ILE C 233 12.03 1.00 16.60
N GLU C 234 12.99 0.15 16.95
CA GLU C 234 12.64 -1.10 17.63
C GLU C 234 12.13 -0.77 19.02
N GLU C 235 12.70 0.26 19.65
CA GLU C 235 12.25 0.66 20.98
C GLU C 235 10.85 1.26 20.85
N LEU C 236 10.60 1.98 19.76
CA LEU C 236 9.29 2.57 19.52
C LEU C 236 8.28 1.45 19.28
N TYR C 237 8.72 0.38 18.63
CA TYR C 237 7.86 -0.75 18.34
C TYR C 237 7.42 -1.40 19.64
N VAL C 238 8.35 -1.52 20.58
CA VAL C 238 8.08 -2.11 21.89
C VAL C 238 7.03 -1.28 22.61
N GLU C 239 7.26 0.02 22.68
CA GLU C 239 6.34 0.93 23.34
C GLU C 239 4.96 0.85 22.71
N LEU C 240 4.91 0.88 21.38
CA LEU C 240 3.63 0.80 20.66
C LEU C 240 2.95 -0.54 20.90
N ALA C 241 3.71 -1.63 20.84
CA ALA C 241 3.15 -2.96 21.06
C ALA C 241 2.52 -3.07 22.45
N ALA C 242 3.18 -2.47 23.44
CA ALA C 242 2.68 -2.51 24.81
C ALA C 242 1.37 -1.75 24.90
N ARG C 243 1.34 -0.57 24.27
CA ARG C 243 0.15 0.26 24.29
C ARG C 243 -0.99 -0.45 23.56
N ARG C 244 -0.66 -1.16 22.50
CA ARG C 244 -1.69 -1.89 21.75
C ARG C 244 -2.25 -2.99 22.63
N SER C 245 -1.38 -3.73 23.30
CA SER C 245 -1.82 -4.82 24.18
C SER C 245 -2.77 -4.33 25.25
N GLU C 246 -2.42 -3.23 25.91
CA GLU C 246 -3.25 -2.67 26.96
C GLU C 246 -4.61 -2.25 26.41
N LEU C 247 -4.62 -1.64 25.22
CA LEU C 247 -5.88 -1.22 24.63
C LEU C 247 -6.74 -2.44 24.30
N LEU C 248 -6.10 -3.47 23.76
CA LEU C 248 -6.83 -4.69 23.42
C LEU C 248 -7.43 -5.28 24.68
N ARG C 249 -6.63 -5.33 25.74
CA ARG C 249 -7.06 -5.86 27.04
C ARG C 249 -8.31 -5.15 27.52
N LYS C 250 -8.26 -3.82 27.57
CA LYS C 250 -9.39 -3.04 28.03
C LYS C 250 -10.58 -3.19 27.10
N LEU C 251 -10.34 -3.05 25.79
CA LEU C 251 -11.42 -3.17 24.83
C LEU C 251 -12.11 -4.52 24.86
N THR C 252 -11.32 -5.60 25.00
CA THR C 252 -11.91 -6.93 25.03
C THR C 252 -12.65 -7.17 26.33
N GLU C 253 -12.40 -6.33 27.32
CA GLU C 253 -13.09 -6.47 28.61
C GLU C 253 -14.43 -5.77 28.47
N THR C 254 -14.43 -4.68 27.72
CA THR C 254 -15.63 -3.90 27.47
C THR C 254 -16.55 -4.57 26.47
N PHE C 255 -15.96 -5.07 25.40
CA PHE C 255 -16.71 -5.74 24.35
C PHE C 255 -16.43 -7.23 24.36
N GLY C 256 -17.41 -8.01 24.79
CA GLY C 256 -17.24 -9.44 24.86
C GLY C 256 -17.21 -10.18 23.54
N SER C 257 -16.72 -11.42 23.58
CA SER C 257 -16.63 -12.25 22.40
C SER C 257 -18.00 -12.82 22.08
N TRP C 258 -18.17 -13.37 20.88
CA TRP C 258 -19.45 -13.93 20.48
C TRP C 258 -19.26 -15.04 19.45
N TYR C 259 -20.34 -15.76 19.14
CA TYR C 259 -20.26 -16.83 18.15
C TYR C 259 -20.93 -16.44 16.85
N GLN C 260 -20.35 -16.89 15.75
CA GLN C 260 -20.89 -16.61 14.44
C GLN C 260 -20.93 -17.92 13.69
N PRO C 261 -21.90 -18.06 12.78
CA PRO C 261 -21.97 -19.32 12.02
C PRO C 261 -20.80 -19.32 11.04
N LYS C 262 -20.23 -20.50 10.83
CA LYS C 262 -19.09 -20.64 9.93
C LYS C 262 -18.86 -22.11 9.59
N GLY C 263 -18.81 -22.43 8.31
CA GLY C 263 -18.58 -23.80 7.90
C GLY C 263 -19.81 -24.51 7.38
N GLY C 264 -20.96 -23.84 7.45
CA GLY C 264 -22.19 -24.45 6.98
C GLY C 264 -22.18 -24.66 5.48
N THR C 265 -22.66 -25.82 5.04
CA THR C 265 -22.70 -26.15 3.62
C THR C 265 -24.11 -26.29 3.07
N GLU C 266 -24.97 -26.99 3.80
CA GLU C 266 -26.34 -27.20 3.37
C GLU C 266 -27.22 -25.99 3.66
N MET C 267 -28.36 -25.94 2.98
CA MET C 267 -29.33 -24.87 3.14
C MET C 267 -30.35 -25.30 4.18
N PHE C 268 -30.72 -24.39 5.08
CA PHE C 268 -31.71 -24.72 6.10
C PHE C 268 -33.10 -24.56 5.48
N CYS C 269 -33.93 -25.58 5.64
CA CYS C 269 -35.27 -25.55 5.09
C CYS C 269 -36.32 -25.74 6.18
N HIS C 270 -37.50 -25.15 5.99
CA HIS C 270 -38.57 -25.28 6.97
C HIS C 270 -38.91 -26.77 7.08
N PRO C 271 -38.90 -27.31 8.31
CA PRO C 271 -39.20 -28.73 8.56
C PRO C 271 -40.61 -29.15 8.15
N ARG C 272 -41.53 -28.19 8.11
CA ARG C 272 -42.91 -28.47 7.74
C ARG C 272 -43.10 -28.21 6.25
N THR C 273 -42.93 -26.95 5.87
CA THR C 273 -43.09 -26.51 4.48
C THR C 273 -42.00 -27.00 3.55
N GLY C 274 -40.78 -27.13 4.07
CA GLY C 274 -39.68 -27.58 3.24
C GLY C 274 -39.11 -26.42 2.46
N LYS C 275 -39.68 -25.23 2.69
CA LYS C 275 -39.22 -24.02 2.02
C LYS C 275 -37.79 -23.68 2.42
N PRO C 276 -36.91 -23.44 1.43
CA PRO C 276 -35.52 -23.09 1.74
C PRO C 276 -35.51 -21.72 2.39
N LEU C 277 -34.67 -21.54 3.41
CA LEU C 277 -34.58 -20.27 4.12
C LEU C 277 -33.16 -19.68 4.01
N PRO C 278 -32.77 -19.23 2.81
CA PRO C 278 -31.45 -18.64 2.53
C PRO C 278 -30.95 -17.66 3.58
N LYS C 279 -31.87 -16.94 4.23
CA LYS C 279 -31.49 -15.97 5.24
C LYS C 279 -31.04 -16.58 6.57
N TYR C 280 -31.42 -17.83 6.79
CA TYR C 280 -31.00 -18.53 8.01
C TYR C 280 -29.59 -19.05 7.77
N PRO C 281 -28.76 -19.11 8.81
CA PRO C 281 -27.39 -19.62 8.67
C PRO C 281 -27.35 -21.00 8.03
N ARG C 282 -26.30 -21.25 7.26
CA ARG C 282 -26.12 -22.55 6.61
C ARG C 282 -25.97 -23.57 7.72
N ILE C 283 -26.39 -24.80 7.48
CA ILE C 283 -26.30 -25.82 8.51
C ILE C 283 -25.49 -27.02 8.03
N LYS C 284 -25.43 -28.03 8.89
CA LYS C 284 -24.70 -29.25 8.58
C LYS C 284 -25.53 -30.42 9.12
N THR C 285 -25.87 -31.34 8.23
CA THR C 285 -26.64 -32.52 8.62
C THR C 285 -25.73 -33.74 8.55
N PRO C 286 -25.23 -34.20 9.71
CA PRO C 286 -24.34 -35.37 9.70
C PRO C 286 -25.06 -36.58 9.13
N LYS C 287 -24.34 -37.37 8.34
CA LYS C 287 -24.93 -38.56 7.72
C LYS C 287 -24.60 -39.83 8.48
N VAL C 288 -23.72 -39.72 9.47
CA VAL C 288 -23.32 -40.87 10.28
C VAL C 288 -23.47 -40.59 11.77
N GLY C 289 -23.61 -41.65 12.56
CA GLY C 289 -23.73 -41.49 13.99
C GLY C 289 -25.13 -41.64 14.56
N GLY C 290 -25.23 -42.32 15.69
CA GLY C 290 -26.50 -42.53 16.34
C GLY C 290 -26.30 -42.48 17.84
N ILE C 291 -27.34 -42.81 18.61
CA ILE C 291 -27.23 -42.81 20.06
C ILE C 291 -26.37 -43.97 20.54
N PHE C 292 -26.56 -45.13 19.92
CA PHE C 292 -25.78 -46.31 20.28
C PHE C 292 -24.90 -46.74 19.12
N LYS C 293 -24.06 -47.74 19.37
CA LYS C 293 -23.17 -48.27 18.35
C LYS C 293 -23.87 -49.47 17.74
N LYS C 294 -23.24 -50.07 16.73
CA LYS C 294 -23.81 -51.25 16.09
C LYS C 294 -23.63 -52.43 17.05
N PRO C 295 -24.63 -53.32 17.13
CA PRO C 295 -24.57 -54.49 18.03
C PRO C 295 -23.47 -55.48 17.64
N LYS C 296 -22.68 -55.89 18.61
CA LYS C 296 -21.59 -56.83 18.36
C LYS C 296 -21.84 -58.26 18.85
N ASN C 297 -23.10 -58.63 19.06
CA ASN C 297 -23.39 -59.99 19.52
C ASN C 297 -24.88 -60.28 19.68
N LYS C 298 -25.18 -61.51 20.06
CA LYS C 298 -26.55 -61.93 20.27
C LYS C 298 -27.03 -61.23 21.53
N ALA C 299 -28.26 -60.74 21.48
CA ALA C 299 -28.82 -59.99 22.60
C ALA C 299 -27.96 -58.73 22.56
N GLN C 300 -28.26 -57.90 21.58
CA GLN C 300 -27.60 -56.64 21.30
C GLN C 300 -28.16 -56.43 19.91
N ARG C 301 -27.94 -57.45 19.08
CA ARG C 301 -28.43 -57.43 17.72
C ARG C 301 -29.85 -57.95 17.75
N GLU C 302 -30.25 -58.49 18.91
CA GLU C 302 -31.59 -59.01 19.10
C GLU C 302 -32.31 -58.19 20.16
N GLY C 303 -31.78 -57.02 20.45
CA GLY C 303 -32.39 -56.16 21.45
C GLY C 303 -32.65 -56.84 22.78
N ARG C 304 -31.61 -57.42 23.37
CA ARG C 304 -31.76 -58.09 24.66
C ARG C 304 -30.79 -57.49 25.68
N GLU C 305 -29.56 -57.21 25.25
CA GLU C 305 -28.55 -56.60 26.12
C GLU C 305 -28.63 -55.08 26.00
N PRO C 306 -27.66 -54.35 26.60
CA PRO C 306 -27.73 -52.89 26.50
C PRO C 306 -27.44 -52.34 25.11
N CYS C 307 -26.23 -52.59 24.63
CA CYS C 307 -25.75 -52.12 23.33
C CYS C 307 -24.90 -50.87 23.58
N GLU C 308 -23.61 -50.97 23.25
CA GLU C 308 -22.63 -49.91 23.43
C GLU C 308 -23.08 -48.51 23.03
N LEU C 309 -22.79 -47.53 23.88
CA LEU C 309 -23.15 -46.14 23.62
C LEU C 309 -22.20 -45.52 22.61
N ASP C 310 -22.73 -44.69 21.72
CA ASP C 310 -21.92 -44.02 20.72
C ASP C 310 -21.38 -42.70 21.29
N THR C 311 -20.15 -42.73 21.75
CA THR C 311 -19.52 -41.54 22.33
C THR C 311 -19.33 -40.43 21.29
N ARG C 312 -19.47 -40.77 20.02
CA ARG C 312 -19.32 -39.80 18.93
C ARG C 312 -19.62 -38.37 19.36
N GLU C 313 -20.81 -37.87 19.02
CA GLU C 313 -21.22 -36.52 19.38
C GLU C 313 -22.32 -36.01 18.44
N TYR C 314 -22.49 -36.71 17.32
CA TYR C 314 -23.50 -36.33 16.36
C TYR C 314 -24.50 -37.46 16.14
N VAL C 315 -25.61 -37.13 15.48
CA VAL C 315 -26.66 -38.09 15.19
C VAL C 315 -27.08 -37.83 13.75
N ALA C 316 -27.15 -38.89 12.96
CA ALA C 316 -27.54 -38.79 11.56
C ALA C 316 -28.92 -38.18 11.41
N GLY C 317 -29.01 -37.17 10.54
CA GLY C 317 -30.29 -36.51 10.31
C GLY C 317 -30.55 -35.35 11.27
N ALA C 318 -29.78 -35.28 12.34
CA ALA C 318 -29.92 -34.21 13.33
C ALA C 318 -29.07 -33.01 12.91
N PRO C 319 -29.69 -32.03 12.25
CA PRO C 319 -28.99 -30.82 11.79
C PRO C 319 -28.56 -29.88 12.89
N TYR C 320 -27.45 -29.20 12.66
CA TYR C 320 -26.95 -28.22 13.60
C TYR C 320 -26.27 -27.11 12.81
N THR C 321 -25.99 -26.00 13.48
CA THR C 321 -25.33 -24.89 12.84
C THR C 321 -23.89 -24.74 13.32
N PRO C 322 -22.93 -24.92 12.41
CA PRO C 322 -21.49 -24.80 12.73
C PRO C 322 -21.18 -23.33 13.04
N VAL C 323 -20.48 -23.09 14.14
CA VAL C 323 -20.15 -21.72 14.52
C VAL C 323 -18.70 -21.60 14.92
N GLU C 324 -18.24 -20.36 15.02
CA GLU C 324 -16.88 -20.09 15.45
C GLU C 324 -16.96 -19.07 16.57
N HIS C 325 -15.97 -19.08 17.45
CA HIS C 325 -15.94 -18.14 18.55
C HIS C 325 -15.08 -16.95 18.14
N VAL C 326 -15.69 -15.77 18.05
CA VAL C 326 -14.94 -14.59 17.66
C VAL C 326 -14.66 -13.60 18.79
N VAL C 327 -13.43 -13.13 18.85
CA VAL C 327 -12.98 -12.17 19.85
C VAL C 327 -12.98 -10.76 19.23
N PHE C 328 -13.48 -9.78 19.96
CA PHE C 328 -13.54 -8.41 19.44
C PHE C 328 -12.18 -7.99 18.90
N ASN C 329 -12.18 -7.44 17.69
CA ASN C 329 -10.96 -6.98 17.05
C ASN C 329 -11.10 -5.49 16.74
N PRO C 330 -10.43 -4.63 17.53
CA PRO C 330 -10.50 -3.18 17.35
C PRO C 330 -10.14 -2.74 15.93
N SER C 331 -9.40 -3.59 15.23
CA SER C 331 -9.00 -3.28 13.86
C SER C 331 -10.10 -3.60 12.84
N SER C 332 -11.14 -4.30 13.28
CA SER C 332 -12.23 -4.68 12.40
C SER C 332 -13.38 -3.68 12.43
N ARG C 333 -13.47 -2.86 11.38
CA ARG C 333 -14.53 -1.85 11.30
C ARG C 333 -15.87 -2.56 11.44
N ASP C 334 -15.90 -3.83 11.04
CA ASP C 334 -17.12 -4.61 11.12
C ASP C 334 -17.48 -4.87 12.58
N HIS C 335 -16.47 -5.18 13.39
CA HIS C 335 -16.68 -5.43 14.81
C HIS C 335 -17.05 -4.14 15.53
N ILE C 336 -16.37 -3.06 15.17
CA ILE C 336 -16.65 -1.79 15.80
C ILE C 336 -18.10 -1.42 15.56
N GLN C 337 -18.51 -1.50 14.30
CA GLN C 337 -19.86 -1.17 13.91
C GLN C 337 -20.91 -2.03 14.63
N LYS C 338 -20.65 -3.33 14.71
CA LYS C 338 -21.55 -4.26 15.38
C LYS C 338 -21.77 -3.83 16.84
N LYS C 339 -20.70 -3.82 17.61
CA LYS C 339 -20.77 -3.45 19.02
C LYS C 339 -21.38 -2.07 19.29
N LEU C 340 -21.10 -1.08 18.44
CA LEU C 340 -21.66 0.24 18.66
C LEU C 340 -23.15 0.33 18.35
N GLN C 341 -23.62 -0.39 17.34
CA GLN C 341 -25.05 -0.36 17.04
C GLN C 341 -25.75 -1.14 18.15
N GLU C 342 -25.05 -2.13 18.71
CA GLU C 342 -25.62 -2.91 19.80
C GLU C 342 -25.60 -2.07 21.06
N ALA C 343 -25.09 -0.85 20.94
CA ALA C 343 -25.02 0.06 22.07
C ALA C 343 -25.95 1.23 21.85
N GLY C 344 -26.71 1.19 20.75
CA GLY C 344 -27.65 2.26 20.48
C GLY C 344 -27.24 3.26 19.41
N TRP C 345 -26.02 3.12 18.89
CA TRP C 345 -25.55 4.03 17.87
C TRP C 345 -26.34 3.81 16.59
N VAL C 346 -26.83 4.90 16.01
CA VAL C 346 -27.61 4.82 14.77
C VAL C 346 -26.79 5.46 13.65
N PRO C 347 -26.15 4.63 12.80
CA PRO C 347 -25.35 5.13 11.68
C PRO C 347 -26.10 6.07 10.75
N THR C 348 -25.45 7.19 10.43
CA THR C 348 -26.00 8.20 9.54
C THR C 348 -25.47 8.02 8.12
N LYS C 349 -24.16 7.83 7.99
CA LYS C 349 -23.57 7.65 6.66
C LYS C 349 -23.03 6.25 6.42
N TYR C 350 -23.32 5.73 5.24
CA TYR C 350 -22.89 4.39 4.85
C TYR C 350 -22.04 4.45 3.59
N THR C 351 -21.36 3.35 3.27
CA THR C 351 -20.52 3.30 2.09
C THR C 351 -21.39 2.94 0.90
N ASP C 352 -20.90 3.19 -0.31
CA ASP C 352 -21.67 2.85 -1.50
C ASP C 352 -21.62 1.35 -1.73
N LYS C 353 -21.83 0.61 -0.63
CA LYS C 353 -21.86 -0.84 -0.65
C LYS C 353 -22.64 -1.36 0.56
N GLY C 354 -23.35 -0.45 1.23
CA GLY C 354 -24.16 -0.83 2.37
C GLY C 354 -23.53 -0.74 3.75
N ALA C 355 -22.25 -1.07 3.85
CA ALA C 355 -21.57 -1.03 5.14
C ALA C 355 -21.53 0.40 5.70
N PRO C 356 -21.74 0.54 7.01
CA PRO C 356 -21.70 1.87 7.61
C PRO C 356 -20.27 2.38 7.65
N VAL C 357 -20.10 3.69 7.46
CA VAL C 357 -18.77 4.28 7.47
C VAL C 357 -18.19 4.34 8.88
N VAL C 358 -16.96 3.88 9.03
CA VAL C 358 -16.32 3.89 10.34
C VAL C 358 -14.91 4.47 10.28
N ASP C 359 -14.85 5.78 10.05
CA ASP C 359 -13.58 6.49 10.00
C ASP C 359 -13.49 7.30 11.29
N ASP C 360 -12.39 8.03 11.45
CA ASP C 360 -12.20 8.83 12.66
C ASP C 360 -13.27 9.91 12.80
N GLU C 361 -13.75 10.40 11.67
CA GLU C 361 -14.77 11.45 11.66
C GLU C 361 -16.05 10.99 12.35
N VAL C 362 -16.61 9.86 11.91
CA VAL C 362 -17.83 9.36 12.51
C VAL C 362 -17.61 8.84 13.93
N LEU C 363 -16.46 8.18 14.16
CA LEU C 363 -16.18 7.67 15.49
C LEU C 363 -16.22 8.83 16.48
N GLU C 364 -15.57 9.93 16.11
CA GLU C 364 -15.54 11.10 16.97
C GLU C 364 -16.95 11.62 17.26
N GLY C 365 -17.87 11.39 16.33
CA GLY C 365 -19.23 11.87 16.50
C GLY C 365 -20.18 10.91 17.18
N VAL C 366 -19.83 9.63 17.20
CA VAL C 366 -20.68 8.61 17.83
C VAL C 366 -20.99 8.90 19.29
N ARG C 367 -22.22 8.61 19.69
CA ARG C 367 -22.69 8.80 21.06
C ARG C 367 -23.53 7.61 21.51
N VAL C 368 -23.24 7.09 22.70
CA VAL C 368 -23.98 5.96 23.27
C VAL C 368 -24.22 6.24 24.74
N ASP C 369 -25.28 5.67 25.30
CA ASP C 369 -25.61 5.91 26.69
C ASP C 369 -24.67 5.32 27.72
N ASP C 370 -24.15 4.11 27.48
CA ASP C 370 -23.23 3.49 28.43
C ASP C 370 -21.92 4.27 28.44
N PRO C 371 -21.62 4.95 29.54
CA PRO C 371 -20.39 5.74 29.61
C PRO C 371 -19.10 4.95 29.38
N GLU C 372 -19.09 3.67 29.74
CA GLU C 372 -17.88 2.88 29.55
C GLU C 372 -17.62 2.66 28.05
N LYS C 373 -18.67 2.35 27.30
CA LYS C 373 -18.54 2.14 25.87
C LYS C 373 -18.27 3.47 25.15
N GLN C 374 -18.90 4.53 25.63
CA GLN C 374 -18.69 5.84 25.04
C GLN C 374 -17.19 6.12 25.13
N ALA C 375 -16.60 5.79 26.27
CA ALA C 375 -15.18 6.00 26.49
C ALA C 375 -14.35 5.05 25.63
N ALA C 376 -14.87 3.85 25.38
CA ALA C 376 -14.15 2.87 24.57
C ALA C 376 -13.89 3.40 23.16
N ILE C 377 -14.73 4.35 22.73
CA ILE C 377 -14.58 4.91 21.40
C ILE C 377 -13.22 5.57 21.24
N ASP C 378 -12.77 6.27 22.26
CA ASP C 378 -11.46 6.90 22.19
C ASP C 378 -10.39 5.83 22.14
N LEU C 379 -10.58 4.76 22.91
CA LEU C 379 -9.60 3.68 22.92
C LEU C 379 -9.49 3.09 21.52
N ILE C 380 -10.62 2.92 20.86
CA ILE C 380 -10.64 2.37 19.52
C ILE C 380 -9.90 3.28 18.55
N LYS C 381 -10.13 4.59 18.66
CA LYS C 381 -9.45 5.53 17.77
C LYS C 381 -7.95 5.43 17.97
N GLU C 382 -7.51 5.44 19.23
CA GLU C 382 -6.08 5.35 19.53
C GLU C 382 -5.50 4.06 18.99
N TYR C 383 -6.23 2.97 19.16
CA TYR C 383 -5.79 1.65 18.71
C TYR C 383 -5.57 1.62 17.21
N LEU C 384 -6.51 2.19 16.47
CA LEU C 384 -6.42 2.22 15.02
C LEU C 384 -5.17 2.97 14.60
N MET C 385 -4.89 4.08 15.28
CA MET C 385 -3.72 4.89 14.97
C MET C 385 -2.45 4.12 15.33
N ILE C 386 -2.44 3.50 16.52
CA ILE C 386 -1.28 2.72 16.94
C ILE C 386 -0.95 1.67 15.87
N GLN C 387 -1.99 1.07 15.28
CA GLN C 387 -1.78 0.05 14.25
C GLN C 387 -1.10 0.59 13.00
N LYS C 388 -1.56 1.75 12.56
CA LYS C 388 -0.98 2.36 11.38
C LYS C 388 0.52 2.58 11.62
N ARG C 389 0.88 3.03 12.81
CA ARG C 389 2.29 3.26 13.14
C ARG C 389 3.07 1.97 13.21
N ILE C 390 2.48 0.96 13.85
CA ILE C 390 3.13 -0.34 13.98
C ILE C 390 3.29 -0.96 12.60
N GLY C 391 2.23 -0.92 11.81
CA GLY C 391 2.28 -1.49 10.48
C GLY C 391 3.35 -0.84 9.61
N GLN C 392 3.39 0.47 9.59
CA GLN C 392 4.37 1.16 8.78
C GLN C 392 5.81 1.02 9.30
N SER C 393 5.98 0.93 10.60
CA SER C 393 7.32 0.85 11.18
C SER C 393 7.87 -0.56 11.41
N ALA C 394 7.03 -1.49 11.82
CA ALA C 394 7.55 -2.81 12.11
C ALA C 394 6.87 -4.04 11.55
N GLU C 395 5.55 -4.09 11.57
CA GLU C 395 4.84 -5.29 11.11
C GLU C 395 4.39 -5.43 9.67
N GLY C 396 4.17 -4.32 8.97
CA GLY C 396 3.70 -4.40 7.59
C GLY C 396 4.67 -5.12 6.67
N ASP C 397 4.20 -5.54 5.51
CA ASP C 397 5.09 -6.22 4.55
C ASP C 397 6.18 -5.25 4.14
N LYS C 398 5.82 -3.97 4.09
CA LYS C 398 6.77 -2.93 3.69
C LYS C 398 7.30 -2.14 4.88
N ALA C 399 7.30 -2.76 6.06
CA ALA C 399 7.78 -2.09 7.27
C ALA C 399 9.24 -1.61 7.19
N TRP C 400 9.52 -0.47 7.81
CA TRP C 400 10.88 0.07 7.80
C TRP C 400 11.87 -0.96 8.34
N LEU C 401 11.50 -1.61 9.44
CA LEU C 401 12.38 -2.62 10.04
C LEU C 401 12.65 -3.80 9.11
N ARG C 402 11.73 -4.10 8.20
CA ARG C 402 11.96 -5.21 7.29
C ARG C 402 12.82 -4.81 6.12
N TYR C 403 13.00 -3.50 5.95
CA TYR C 403 13.78 -2.96 4.85
C TYR C 403 15.16 -2.40 5.18
N VAL C 404 15.50 -2.29 6.45
CA VAL C 404 16.81 -1.74 6.80
C VAL C 404 17.86 -2.68 6.22
N ALA C 405 18.83 -2.13 5.50
CA ALA C 405 19.89 -2.95 4.93
C ALA C 405 21.06 -3.06 5.90
N GLU C 406 22.08 -3.84 5.55
CA GLU C 406 23.25 -4.02 6.39
C GLU C 406 24.01 -2.72 6.60
N ASP C 407 24.02 -1.86 5.58
CA ASP C 407 24.70 -0.58 5.68
C ASP C 407 23.94 0.39 6.57
N GLY C 408 22.97 -0.14 7.30
CA GLY C 408 22.19 0.69 8.20
C GLY C 408 21.37 1.78 7.55
N LYS C 409 20.87 1.52 6.35
CA LYS C 409 20.08 2.51 5.64
C LYS C 409 18.96 1.85 4.91
N ILE C 410 17.91 2.62 4.63
CA ILE C 410 16.77 2.10 3.89
C ILE C 410 16.91 2.65 2.48
N HIS C 411 16.99 1.74 1.52
CA HIS C 411 17.14 2.11 0.11
C HIS C 411 15.79 2.10 -0.61
N GLY C 412 14.95 3.05 -0.25
CA GLY C 412 13.63 3.17 -0.85
C GLY C 412 13.69 3.35 -2.35
N SER C 413 12.74 2.73 -3.03
CA SER C 413 12.68 2.79 -4.48
C SER C 413 11.88 3.99 -4.99
N VAL C 414 12.30 4.52 -6.14
CA VAL C 414 11.61 5.66 -6.72
C VAL C 414 11.35 5.45 -8.19
N ASN C 415 10.12 5.72 -8.62
CA ASN C 415 9.75 5.65 -10.03
C ASN C 415 9.73 7.13 -10.38
N PRO C 416 10.82 7.64 -10.97
CA PRO C 416 11.00 9.04 -11.38
C PRO C 416 9.83 9.72 -12.05
N ASN C 417 9.07 8.97 -12.85
CA ASN C 417 7.92 9.54 -13.55
C ASN C 417 6.69 8.64 -13.40
N GLY C 418 6.49 8.13 -12.18
CA GLY C 418 5.38 7.24 -11.89
C GLY C 418 3.99 7.82 -11.87
N ALA C 419 3.84 9.11 -11.61
CA ALA C 419 2.51 9.72 -11.60
C ALA C 419 2.22 10.36 -12.95
N VAL C 420 0.96 10.35 -13.37
CA VAL C 420 0.58 10.92 -14.65
C VAL C 420 1.04 12.36 -14.88
N THR C 421 1.01 13.17 -13.83
CA THR C 421 1.42 14.58 -13.91
C THR C 421 2.92 14.79 -14.09
N GLY C 422 3.71 13.75 -13.88
CA GLY C 422 5.14 13.92 -14.02
C GLY C 422 5.84 13.85 -12.67
N ARG C 423 5.05 13.60 -11.63
CA ARG C 423 5.60 13.47 -10.28
C ARG C 423 6.21 12.08 -10.21
N ALA C 424 6.97 11.82 -9.16
CA ALA C 424 7.56 10.51 -8.95
C ALA C 424 6.64 9.76 -7.99
N THR C 425 6.82 8.45 -7.91
CA THR C 425 6.06 7.65 -6.96
C THR C 425 7.16 7.03 -6.12
N HIS C 426 6.84 6.64 -4.89
CA HIS C 426 7.85 6.07 -4.01
C HIS C 426 7.32 4.81 -3.34
N ALA C 427 8.17 3.80 -3.19
CA ALA C 427 7.72 2.57 -2.58
C ALA C 427 8.86 1.67 -2.13
N PHE C 428 8.51 0.60 -1.40
CA PHE C 428 9.46 -0.38 -0.91
C PHE C 428 10.61 0.15 -0.04
N PRO C 429 10.30 0.91 1.02
CA PRO C 429 8.97 1.35 1.48
C PRO C 429 8.76 2.76 0.93
N ASN C 430 7.55 3.29 1.01
CA ASN C 430 7.29 4.62 0.50
C ASN C 430 7.88 5.68 1.43
N LEU C 431 9.07 6.18 1.12
CA LEU C 431 9.68 7.21 1.95
C LEU C 431 9.01 8.56 1.81
N ALA C 432 7.94 8.62 1.02
CA ALA C 432 7.22 9.88 0.83
C ALA C 432 5.91 9.90 1.63
N GLN C 433 5.78 9.03 2.62
CA GLN C 433 4.58 9.02 3.47
C GLN C 433 4.96 8.78 4.94
N ILE C 434 6.13 9.26 5.34
CA ILE C 434 6.57 9.11 6.72
C ILE C 434 5.71 10.04 7.55
N PRO C 435 5.18 9.57 8.69
CA PRO C 435 4.33 10.44 9.51
C PRO C 435 5.04 11.78 9.80
N GLY C 436 4.29 12.86 9.75
CA GLY C 436 4.87 14.18 10.02
C GLY C 436 5.14 14.38 11.50
N VAL C 437 6.10 15.24 11.83
CA VAL C 437 6.45 15.48 13.23
C VAL C 437 5.30 15.97 14.09
N ARG C 438 4.29 16.57 13.48
CA ARG C 438 3.17 17.07 14.27
C ARG C 438 2.08 16.04 14.53
N SER C 439 2.17 14.87 13.90
CA SER C 439 1.17 13.84 14.14
C SER C 439 1.70 12.93 15.25
N PRO C 440 0.83 12.14 15.87
CA PRO C 440 1.28 11.26 16.95
C PRO C 440 2.47 10.38 16.56
N TYR C 441 3.47 10.34 17.44
CA TYR C 441 4.68 9.55 17.24
C TYR C 441 5.50 10.04 16.05
N GLY C 442 5.05 11.13 15.43
CA GLY C 442 5.75 11.67 14.28
C GLY C 442 7.21 12.04 14.52
N GLU C 443 7.50 12.71 15.63
CA GLU C 443 8.87 13.09 15.90
C GLU C 443 9.83 11.91 15.99
N GLN C 444 9.40 10.86 16.68
CA GLN C 444 10.23 9.66 16.79
C GLN C 444 10.45 9.05 15.41
N CYS C 445 9.36 8.93 14.64
CA CYS C 445 9.45 8.36 13.30
C CYS C 445 10.40 9.15 12.41
N ARG C 446 10.20 10.46 12.41
CA ARG C 446 10.97 11.38 11.61
C ARG C 446 12.45 11.44 11.98
N ALA C 447 12.74 11.47 13.28
CA ALA C 447 14.11 11.54 13.75
C ALA C 447 14.89 10.26 13.48
N ALA C 448 14.18 9.17 13.24
CA ALA C 448 14.86 7.91 12.96
C ALA C 448 15.53 7.95 11.58
N PHE C 449 15.09 8.87 10.72
CA PHE C 449 15.66 9.02 9.39
C PHE C 449 16.56 10.26 9.43
N GLY C 450 17.86 10.09 9.30
CA GLY C 450 18.72 11.26 9.36
C GLY C 450 20.18 11.02 9.11
N ALA C 451 20.85 12.06 8.63
CA ALA C 451 22.28 12.00 8.33
C ALA C 451 23.08 11.65 9.58
N GLU C 452 22.59 12.07 10.75
CA GLU C 452 23.30 11.80 11.99
C GLU C 452 23.54 10.30 12.17
N HIS C 453 22.60 9.48 11.69
CA HIS C 453 22.73 8.03 11.84
C HIS C 453 23.78 7.41 10.93
N HIS C 454 24.50 8.24 10.18
CA HIS C 454 25.56 7.73 9.32
C HIS C 454 26.88 8.28 9.83
N LEU C 455 27.81 7.38 10.17
CA LEU C 455 29.10 7.80 10.65
C LEU C 455 30.06 7.79 9.47
N ASP C 456 30.84 8.85 9.32
CA ASP C 456 31.77 8.96 8.21
C ASP C 456 32.71 7.77 8.12
N GLY C 457 32.90 7.28 6.91
CA GLY C 457 33.76 6.14 6.70
C GLY C 457 35.17 6.31 7.21
N ILE C 458 35.65 7.55 7.27
CA ILE C 458 37.02 7.79 7.71
C ILE C 458 37.15 8.28 9.16
N THR C 459 36.42 9.34 9.51
CA THR C 459 36.48 9.91 10.84
C THR C 459 35.49 9.33 11.84
N GLY C 460 34.49 8.59 11.36
CA GLY C 460 33.52 8.03 12.28
C GLY C 460 32.61 9.10 12.86
N LYS C 461 32.71 10.32 12.34
CA LYS C 461 31.88 11.41 12.83
C LYS C 461 30.54 11.41 12.11
N PRO C 462 29.44 11.58 12.84
CA PRO C 462 28.12 11.59 12.20
C PRO C 462 27.97 12.69 11.16
N TRP C 463 27.20 12.41 10.11
CA TRP C 463 26.98 13.40 9.07
C TRP C 463 25.89 14.38 9.46
N VAL C 464 25.74 15.44 8.69
CA VAL C 464 24.74 16.46 8.96
C VAL C 464 23.73 16.47 7.83
N GLN C 465 22.52 16.92 8.13
CA GLN C 465 21.46 16.92 7.14
C GLN C 465 21.02 18.30 6.66
N ALA C 466 20.79 18.39 5.36
CA ALA C 466 20.35 19.63 4.74
C ALA C 466 19.00 19.37 4.09
N GLY C 467 17.95 19.96 4.65
CA GLY C 467 16.61 19.80 4.11
C GLY C 467 16.18 21.05 3.36
N ILE C 468 15.71 20.90 2.13
CA ILE C 468 15.26 22.04 1.33
C ILE C 468 13.90 21.75 0.70
N ASP C 469 13.00 22.70 0.82
CA ASP C 469 11.65 22.55 0.29
C ASP C 469 11.22 23.78 -0.50
N ALA C 470 10.63 23.55 -1.67
CA ALA C 470 10.17 24.65 -2.51
C ALA C 470 9.00 25.35 -1.83
N SER C 471 9.12 26.68 -1.72
CA SER C 471 8.10 27.49 -1.05
C SER C 471 6.79 27.65 -1.81
N GLY C 472 5.70 27.18 -1.21
CA GLY C 472 4.37 27.28 -1.82
C GLY C 472 4.37 27.08 -3.32
N LEU C 473 5.08 26.05 -3.76
CA LEU C 473 5.23 25.74 -5.17
C LEU C 473 3.99 25.81 -6.06
N GLU C 474 2.99 24.97 -5.81
CA GLU C 474 1.82 24.96 -6.69
C GLU C 474 0.97 26.23 -6.73
N LEU C 475 1.08 27.06 -5.69
CA LEU C 475 0.36 28.32 -5.71
C LEU C 475 1.15 29.29 -6.60
N ARG C 476 2.48 29.17 -6.60
CA ARG C 476 3.31 30.04 -7.43
C ARG C 476 3.12 29.64 -8.89
N CYS C 477 2.83 28.36 -9.11
CA CYS C 477 2.59 27.85 -10.45
C CYS C 477 1.28 28.47 -10.93
N LEU C 478 0.31 28.56 -10.03
CA LEU C 478 -0.98 29.15 -10.33
C LEU C 478 -0.76 30.61 -10.72
N ALA C 479 0.02 31.32 -9.91
CA ALA C 479 0.32 32.72 -10.16
C ALA C 479 0.89 32.89 -11.57
N HIS C 480 1.79 31.99 -11.95
CA HIS C 480 2.44 32.03 -13.26
C HIS C 480 1.43 31.90 -14.40
N PHE C 481 0.61 30.85 -14.34
CA PHE C 481 -0.38 30.62 -15.38
C PHE C 481 -1.51 31.63 -15.43
N MET C 482 -1.78 32.34 -14.34
CA MET C 482 -2.85 33.32 -14.42
C MET C 482 -2.36 34.75 -14.60
N ALA C 483 -1.05 34.91 -14.73
CA ALA C 483 -0.47 36.24 -14.94
C ALA C 483 -1.02 36.86 -16.21
N ARG C 484 -1.36 36.04 -17.19
CA ARG C 484 -1.89 36.58 -18.44
C ARG C 484 -3.31 37.10 -18.24
N PHE C 485 -3.90 36.79 -17.09
CA PHE C 485 -5.24 37.24 -16.76
C PHE C 485 -5.23 38.38 -15.75
N ASP C 486 -4.25 38.40 -14.85
CA ASP C 486 -4.19 39.44 -13.83
C ASP C 486 -2.88 40.23 -13.84
N ASN C 487 -2.12 40.10 -14.93
CA ASN C 487 -0.85 40.79 -15.06
C ASN C 487 0.11 40.56 -13.91
N GLY C 488 0.22 39.32 -13.44
CA GLY C 488 1.14 39.02 -12.36
C GLY C 488 0.76 39.58 -11.02
N GLU C 489 -0.50 39.98 -10.88
CA GLU C 489 -0.98 40.53 -9.63
C GLU C 489 -0.77 39.54 -8.49
N TYR C 490 -1.30 38.33 -8.65
CA TYR C 490 -1.14 37.29 -7.63
C TYR C 490 0.34 36.92 -7.45
N ALA C 491 1.09 36.94 -8.54
CA ALA C 491 2.51 36.60 -8.52
C ALA C 491 3.31 37.56 -7.64
N HIS C 492 2.78 38.76 -7.44
CA HIS C 492 3.44 39.76 -6.63
C HIS C 492 2.93 39.69 -5.19
N GLU C 493 1.64 39.47 -5.04
CA GLU C 493 1.03 39.38 -3.72
C GLU C 493 1.50 38.17 -2.93
N ILE C 494 1.64 37.04 -3.61
CA ILE C 494 2.06 35.81 -2.96
C ILE C 494 3.41 35.94 -2.25
N LEU C 495 4.23 36.90 -2.66
CA LEU C 495 5.53 37.10 -2.05
C LEU C 495 5.48 37.96 -0.79
N ASN C 496 4.34 38.60 -0.54
CA ASN C 496 4.16 39.44 0.63
C ASN C 496 3.95 38.60 1.88
N GLY C 497 5.04 38.09 2.44
CA GLY C 497 4.93 37.24 3.61
C GLY C 497 4.46 35.86 3.21
N ASP C 498 4.52 34.90 4.12
CA ASP C 498 4.10 33.54 3.80
C ASP C 498 2.65 33.51 3.32
N ILE C 499 2.44 32.92 2.15
CA ILE C 499 1.10 32.83 1.56
C ILE C 499 0.14 31.96 2.37
N HIS C 500 0.63 30.86 2.93
CA HIS C 500 -0.23 29.97 3.69
C HIS C 500 -0.60 30.57 5.05
N THR C 501 0.33 31.30 5.66
CA THR C 501 0.05 31.93 6.96
C THR C 501 -0.97 33.03 6.73
N LYS C 502 -0.80 33.75 5.63
CA LYS C 502 -1.71 34.83 5.30
C LYS C 502 -3.11 34.24 5.14
N ASN C 503 -3.22 33.19 4.34
CA ASN C 503 -4.52 32.54 4.14
C ASN C 503 -5.10 32.01 5.45
N GLN C 504 -4.27 31.34 6.23
CA GLN C 504 -4.71 30.78 7.50
C GLN C 504 -5.50 31.81 8.30
N ILE C 505 -4.90 32.99 8.44
CA ILE C 505 -5.51 34.09 9.17
C ILE C 505 -6.81 34.54 8.51
N ALA C 506 -6.72 34.91 7.24
CA ALA C 506 -7.89 35.37 6.51
C ALA C 506 -9.03 34.35 6.58
N ALA C 507 -8.69 33.07 6.57
CA ALA C 507 -9.69 32.01 6.63
C ALA C 507 -10.07 31.70 8.06
N GLU C 508 -9.27 32.18 9.00
CA GLU C 508 -9.53 31.94 10.41
C GLU C 508 -9.37 30.46 10.70
N LEU C 509 -8.28 29.88 10.22
CA LEU C 509 -8.01 28.47 10.44
C LEU C 509 -6.99 28.29 11.56
N PRO C 510 -7.14 27.20 12.34
CA PRO C 510 -6.25 26.89 13.46
C PRO C 510 -4.77 26.77 13.14
N THR C 511 -4.43 25.98 12.14
CA THR C 511 -3.02 25.77 11.78
C THR C 511 -2.69 26.15 10.35
N ARG C 512 -1.39 26.31 10.08
CA ARG C 512 -0.91 26.63 8.75
C ARG C 512 -1.12 25.42 7.86
N ASP C 513 -1.09 24.24 8.48
CA ASP C 513 -1.29 23.00 7.73
C ASP C 513 -2.71 22.98 7.21
N ASN C 514 -3.66 23.25 8.09
CA ASN C 514 -5.07 23.26 7.72
C ASN C 514 -5.29 24.22 6.56
N ALA C 515 -4.59 25.36 6.60
CA ALA C 515 -4.72 26.36 5.54
C ALA C 515 -4.29 25.78 4.21
N LYS C 516 -3.22 24.99 4.23
CA LYS C 516 -2.72 24.37 3.01
C LYS C 516 -3.72 23.40 2.41
N THR C 517 -4.19 22.46 3.21
CA THR C 517 -5.16 21.49 2.72
C THR C 517 -6.44 22.21 2.31
N PHE C 518 -6.65 23.41 2.84
CA PHE C 518 -7.83 24.19 2.49
C PHE C 518 -7.67 24.86 1.13
N ILE C 519 -6.60 25.62 0.99
CA ILE C 519 -6.35 26.35 -0.24
C ILE C 519 -6.20 25.43 -1.44
N TYR C 520 -5.54 24.29 -1.26
CA TYR C 520 -5.40 23.40 -2.39
C TYR C 520 -6.69 22.67 -2.72
N GLY C 521 -7.45 22.29 -1.69
CA GLY C 521 -8.71 21.63 -1.94
C GLY C 521 -9.61 22.61 -2.66
N PHE C 522 -9.57 23.87 -2.23
CA PHE C 522 -10.36 24.93 -2.82
C PHE C 522 -9.94 25.15 -4.27
N LEU C 523 -8.66 25.50 -4.45
CA LEU C 523 -8.13 25.77 -5.78
C LEU C 523 -8.43 24.66 -6.78
N TYR C 524 -8.41 23.40 -6.33
CA TYR C 524 -8.66 22.27 -7.21
C TYR C 524 -10.10 21.73 -7.35
N GLY C 525 -11.09 22.50 -6.88
CA GLY C 525 -12.48 22.09 -7.06
C GLY C 525 -13.26 21.35 -5.99
N ALA C 526 -12.87 21.46 -4.74
CA ALA C 526 -13.60 20.78 -3.67
C ALA C 526 -14.97 21.44 -3.52
N GLY C 527 -15.98 20.62 -3.20
CA GLY C 527 -17.33 21.13 -3.04
C GLY C 527 -17.49 21.90 -1.75
N ASP C 528 -18.65 22.54 -1.58
CA ASP C 528 -18.91 23.32 -0.38
C ASP C 528 -18.77 22.46 0.87
N GLU C 529 -19.31 21.25 0.82
CA GLU C 529 -19.23 20.35 1.97
C GLU C 529 -17.80 19.87 2.15
N LYS C 530 -17.16 19.47 1.06
CA LYS C 530 -15.79 18.99 1.13
C LYS C 530 -14.90 20.03 1.80
N ILE C 531 -15.16 21.31 1.50
CA ILE C 531 -14.38 22.38 2.10
C ILE C 531 -14.72 22.48 3.58
N GLY C 532 -16.01 22.38 3.90
CA GLY C 532 -16.45 22.46 5.27
C GLY C 532 -15.78 21.42 6.13
N GLN C 533 -15.70 20.20 5.60
CA GLN C 533 -15.09 19.10 6.33
C GLN C 533 -13.63 19.41 6.62
N ILE C 534 -12.96 20.00 5.63
CA ILE C 534 -11.54 20.34 5.73
C ILE C 534 -11.25 21.36 6.84
N VAL C 535 -12.15 22.33 7.01
CA VAL C 535 -11.95 23.36 8.02
C VAL C 535 -12.66 23.01 9.32
N GLY C 536 -13.55 22.02 9.26
CA GLY C 536 -14.26 21.59 10.45
C GLY C 536 -15.63 22.24 10.64
N ALA C 537 -16.30 22.56 9.54
CA ALA C 537 -17.62 23.16 9.60
C ALA C 537 -18.52 22.43 8.63
N GLY C 538 -19.51 23.13 8.06
CA GLY C 538 -20.42 22.49 7.13
C GLY C 538 -20.48 23.14 5.76
N LYS C 539 -21.31 22.60 4.88
CA LYS C 539 -21.45 23.12 3.52
C LYS C 539 -21.64 24.64 3.57
N GLU C 540 -22.17 25.13 4.70
CA GLU C 540 -22.39 26.54 4.84
C GLU C 540 -21.11 27.32 4.89
N ARG C 541 -20.23 26.94 5.78
CA ARG C 541 -18.97 27.61 5.90
C ARG C 541 -18.19 27.38 4.61
N GLY C 542 -18.40 26.23 3.98
CA GLY C 542 -17.70 25.93 2.74
C GLY C 542 -17.91 27.00 1.69
N LYS C 543 -19.17 27.30 1.37
CA LYS C 543 -19.51 28.33 0.39
C LYS C 543 -18.90 29.70 0.70
N GLU C 544 -19.00 30.13 1.96
CA GLU C 544 -18.45 31.44 2.33
C GLU C 544 -16.98 31.50 1.94
N LEU C 545 -16.21 30.53 2.43
CA LEU C 545 -14.78 30.45 2.16
C LEU C 545 -14.45 30.40 0.68
N LYS C 546 -15.17 29.57 -0.08
CA LYS C 546 -14.90 29.44 -1.51
C LYS C 546 -15.16 30.75 -2.26
N LYS C 547 -16.27 31.42 -1.94
CA LYS C 547 -16.58 32.67 -2.61
C LYS C 547 -15.64 33.78 -2.17
N LYS C 548 -15.19 33.72 -0.92
CA LYS C 548 -14.29 34.74 -0.40
C LYS C 548 -12.91 34.69 -1.08
N PHE C 549 -12.41 33.48 -1.34
CA PHE C 549 -11.12 33.34 -1.99
C PHE C 549 -11.22 33.47 -3.51
N LEU C 550 -12.38 33.13 -4.06
CA LEU C 550 -12.57 33.24 -5.50
C LEU C 550 -12.80 34.71 -5.85
N GLU C 551 -13.40 35.44 -4.91
CA GLU C 551 -13.70 36.86 -5.07
C GLU C 551 -12.35 37.57 -5.09
N ASN C 552 -11.52 37.25 -4.11
CA ASN C 552 -10.20 37.84 -3.96
C ASN C 552 -9.40 37.75 -5.26
N THR C 553 -9.39 36.59 -5.90
CA THR C 553 -8.67 36.42 -7.17
C THR C 553 -9.53 35.71 -8.21
N PRO C 554 -10.39 36.47 -8.91
CA PRO C 554 -11.30 35.94 -9.94
C PRO C 554 -10.59 35.35 -11.16
N ALA C 555 -9.30 35.62 -11.30
CA ALA C 555 -8.52 35.08 -12.42
C ALA C 555 -8.53 33.55 -12.38
N ILE C 556 -8.79 32.96 -11.21
CA ILE C 556 -8.83 31.51 -11.12
C ILE C 556 -9.91 31.01 -12.06
N ALA C 557 -11.04 31.70 -12.08
CA ALA C 557 -12.15 31.32 -12.95
C ALA C 557 -11.69 31.40 -14.41
N ALA C 558 -10.99 32.49 -14.72
CA ALA C 558 -10.48 32.72 -16.07
C ALA C 558 -9.56 31.58 -16.53
N LEU C 559 -8.64 31.18 -15.66
CA LEU C 559 -7.72 30.12 -15.99
C LEU C 559 -8.49 28.83 -16.21
N ARG C 560 -9.46 28.57 -15.33
CA ARG C 560 -10.28 27.35 -15.43
C ARG C 560 -11.07 27.29 -16.74
N GLU C 561 -11.54 28.45 -17.19
CA GLU C 561 -12.29 28.50 -18.44
C GLU C 561 -11.41 28.25 -19.65
N SER C 562 -10.26 28.91 -19.72
CA SER C 562 -9.39 28.71 -20.87
C SER C 562 -8.96 27.26 -20.98
N ILE C 563 -8.68 26.61 -19.85
CA ILE C 563 -8.28 25.21 -19.89
C ILE C 563 -9.44 24.42 -20.49
N GLN C 564 -10.64 24.63 -19.97
CA GLN C 564 -11.83 23.96 -20.47
C GLN C 564 -11.96 24.17 -21.97
N GLN C 565 -12.02 25.44 -22.37
CA GLN C 565 -12.15 25.82 -23.77
C GLN C 565 -11.13 25.08 -24.65
N THR C 566 -9.92 24.93 -24.13
CA THR C 566 -8.85 24.28 -24.87
C THR C 566 -9.00 22.76 -24.98
N LEU C 567 -9.41 22.13 -23.89
CA LEU C 567 -9.54 20.69 -23.85
C LEU C 567 -10.88 20.10 -24.26
N VAL C 568 -11.96 20.62 -23.70
CA VAL C 568 -13.29 20.10 -23.96
C VAL C 568 -14.07 20.72 -25.12
N GLU C 569 -14.81 19.86 -25.83
CA GLU C 569 -15.65 20.29 -26.93
C GLU C 569 -17.10 20.24 -26.42
N SER C 570 -17.40 19.17 -25.68
CA SER C 570 -18.72 18.97 -25.09
C SER C 570 -18.66 17.76 -24.14
N SER C 571 -19.53 17.74 -23.15
CA SER C 571 -19.56 16.64 -22.19
C SER C 571 -20.95 16.43 -21.61
N GLN C 572 -21.16 15.27 -21.01
CA GLN C 572 -22.45 14.94 -20.39
C GLN C 572 -22.38 13.66 -19.57
N TRP C 573 -23.18 13.60 -18.52
CA TRP C 573 -23.26 12.45 -17.64
C TRP C 573 -24.27 11.45 -18.17
N VAL C 574 -23.90 10.16 -18.18
CA VAL C 574 -24.79 9.11 -18.65
C VAL C 574 -25.53 8.52 -17.46
N ALA C 575 -24.78 7.93 -16.53
CA ALA C 575 -25.35 7.33 -15.34
C ALA C 575 -24.45 7.68 -14.16
N GLY C 576 -23.40 6.89 -13.97
CA GLY C 576 -22.47 7.13 -12.89
C GLY C 576 -21.15 7.64 -13.44
N GLU C 577 -21.23 8.39 -14.53
CA GLU C 577 -20.04 8.94 -15.17
C GLU C 577 -20.38 10.06 -16.16
N GLN C 578 -19.37 10.87 -16.48
CA GLN C 578 -19.53 11.97 -17.42
C GLN C 578 -18.74 11.67 -18.70
N GLN C 579 -19.45 11.38 -19.79
CA GLN C 579 -18.80 11.09 -21.06
C GLN C 579 -18.39 12.42 -21.69
N VAL C 580 -17.11 12.54 -22.04
CA VAL C 580 -16.59 13.78 -22.62
C VAL C 580 -16.08 13.65 -24.06
N LYS C 581 -16.30 14.70 -24.85
CA LYS C 581 -15.80 14.76 -26.22
C LYS C 581 -14.63 15.75 -26.18
N TRP C 582 -13.42 15.25 -26.41
CA TRP C 582 -12.23 16.09 -26.33
C TRP C 582 -11.70 16.71 -27.62
N LYS C 583 -11.11 17.88 -27.47
CA LYS C 583 -10.49 18.57 -28.59
C LYS C 583 -9.07 18.00 -28.54
N ARG C 584 -8.53 17.95 -27.34
CA ARG C 584 -7.20 17.41 -27.07
C ARG C 584 -7.29 16.89 -25.64
N ARG C 585 -6.76 15.69 -25.39
CA ARG C 585 -6.85 15.16 -24.04
C ARG C 585 -5.52 15.19 -23.27
N TRP C 586 -4.66 16.14 -23.61
CA TRP C 586 -3.37 16.28 -22.92
C TRP C 586 -2.90 17.73 -22.88
N ILE C 587 -2.13 18.04 -21.83
CA ILE C 587 -1.55 19.35 -21.60
C ILE C 587 -0.08 19.31 -22.00
N LYS C 588 0.44 20.41 -22.54
CA LYS C 588 1.85 20.45 -22.92
C LYS C 588 2.61 20.87 -21.68
N GLY C 589 3.41 19.95 -21.13
CA GLY C 589 4.17 20.26 -19.94
C GLY C 589 5.24 21.30 -20.17
N LEU C 590 5.83 21.79 -19.08
CA LEU C 590 6.87 22.81 -19.17
C LEU C 590 8.05 22.41 -20.04
N ASP C 591 8.35 21.12 -20.11
CA ASP C 591 9.47 20.67 -20.92
C ASP C 591 9.02 20.11 -22.26
N GLY C 592 7.78 20.40 -22.61
CA GLY C 592 7.24 19.96 -23.88
C GLY C 592 6.46 18.64 -23.95
N ARG C 593 6.57 17.80 -22.94
CA ARG C 593 5.87 16.52 -22.97
C ARG C 593 4.36 16.64 -22.91
N LYS C 594 3.70 15.56 -23.31
CA LYS C 594 2.25 15.51 -23.25
C LYS C 594 1.89 15.06 -21.84
N VAL C 595 0.97 15.76 -21.20
CA VAL C 595 0.53 15.38 -19.88
C VAL C 595 -0.95 15.02 -19.99
N HIS C 596 -1.23 13.73 -19.94
CA HIS C 596 -2.58 13.19 -20.05
C HIS C 596 -3.53 13.76 -19.00
N VAL C 597 -4.70 14.20 -19.45
CA VAL C 597 -5.72 14.75 -18.56
C VAL C 597 -6.80 13.70 -18.33
N ARG C 598 -7.02 13.33 -17.08
CA ARG C 598 -8.02 12.33 -16.76
C ARG C 598 -9.45 12.87 -16.84
N SER C 599 -9.68 14.09 -16.36
CA SER C 599 -11.02 14.66 -16.41
C SER C 599 -11.02 16.17 -16.56
N PRO C 600 -12.06 16.72 -17.20
CA PRO C 600 -12.09 18.17 -17.36
C PRO C 600 -11.98 18.86 -16.01
N HIS C 601 -12.53 18.21 -14.98
CA HIS C 601 -12.51 18.81 -13.64
C HIS C 601 -11.13 18.86 -13.01
N ALA C 602 -10.36 17.78 -13.13
CA ALA C 602 -9.03 17.72 -12.55
C ALA C 602 -7.96 18.44 -13.40
N ALA C 603 -8.39 18.98 -14.55
CA ALA C 603 -7.48 19.66 -15.47
C ALA C 603 -6.55 20.69 -14.82
N LEU C 604 -7.12 21.64 -14.09
CA LEU C 604 -6.29 22.65 -13.44
C LEU C 604 -5.24 21.98 -12.55
N ASN C 605 -5.63 20.91 -11.86
CA ASN C 605 -4.70 20.21 -10.99
C ASN C 605 -3.61 19.54 -11.82
N THR C 606 -3.97 19.08 -13.01
CA THR C 606 -2.99 18.45 -13.88
C THR C 606 -1.97 19.50 -14.30
N LEU C 607 -2.46 20.66 -14.74
CA LEU C 607 -1.59 21.73 -15.16
C LEU C 607 -0.62 22.19 -14.07
N LEU C 608 -1.14 22.51 -12.90
CA LEU C 608 -0.31 22.99 -11.80
C LEU C 608 0.58 21.93 -11.15
N GLN C 609 0.04 20.73 -10.93
CA GLN C 609 0.85 19.69 -10.30
C GLN C 609 2.00 19.30 -11.23
N SER C 610 1.71 19.21 -12.52
CA SER C 610 2.74 18.85 -13.49
C SER C 610 3.85 19.89 -13.49
N ALA C 611 3.46 21.17 -13.59
CA ALA C 611 4.44 22.26 -13.59
C ALA C 611 5.31 22.18 -12.35
N GLY C 612 4.70 21.99 -11.18
CA GLY C 612 5.47 21.91 -9.96
C GLY C 612 6.37 20.69 -9.97
N ALA C 613 5.87 19.61 -10.56
CA ALA C 613 6.64 18.38 -10.62
C ALA C 613 7.85 18.52 -11.52
N LEU C 614 7.68 19.11 -12.70
CA LEU C 614 8.79 19.28 -13.63
C LEU C 614 9.79 20.32 -13.13
N ILE C 615 9.29 21.33 -12.43
CA ILE C 615 10.16 22.34 -11.88
C ILE C 615 11.07 21.67 -10.85
N CYS C 616 10.47 20.92 -9.95
CA CYS C 616 11.26 20.24 -8.92
C CYS C 616 12.21 19.21 -9.48
N LYS C 617 11.79 18.55 -10.56
CA LYS C 617 12.62 17.54 -11.16
C LYS C 617 13.89 18.22 -11.73
N LEU C 618 13.70 19.28 -12.49
CA LEU C 618 14.82 20.00 -13.06
C LEU C 618 15.64 20.58 -11.90
N TRP C 619 14.94 20.94 -10.84
CA TRP C 619 15.55 21.51 -9.66
C TRP C 619 16.59 20.61 -8.98
N ILE C 620 16.22 19.36 -8.73
CA ILE C 620 17.14 18.45 -8.05
C ILE C 620 18.30 18.14 -8.97
N ILE C 621 18.04 18.18 -10.27
CA ILE C 621 19.08 17.89 -11.25
C ILE C 621 20.11 19.02 -11.30
N LYS C 622 19.64 20.24 -11.43
CA LYS C 622 20.53 21.39 -11.49
C LYS C 622 21.27 21.56 -10.18
N THR C 623 20.58 21.30 -9.07
CA THR C 623 21.20 21.42 -7.75
C THR C 623 22.41 20.51 -7.66
N GLU C 624 22.25 19.24 -7.99
CA GLU C 624 23.40 18.34 -7.89
C GLU C 624 24.50 18.75 -8.86
N GLU C 625 24.10 19.25 -10.03
CA GLU C 625 25.07 19.66 -11.02
C GLU C 625 25.87 20.85 -10.55
N MET C 626 25.19 21.81 -9.92
CA MET C 626 25.88 22.99 -9.42
C MET C 626 26.83 22.60 -8.29
N LEU C 627 26.47 21.60 -7.49
CA LEU C 627 27.35 21.16 -6.41
C LEU C 627 28.59 20.48 -7.00
N VAL C 628 28.38 19.60 -7.97
CA VAL C 628 29.50 18.91 -8.60
C VAL C 628 30.47 19.89 -9.26
N GLU C 629 29.95 20.95 -9.87
CA GLU C 629 30.83 21.92 -10.51
C GLU C 629 31.58 22.71 -9.47
N LYS C 630 31.10 22.69 -8.23
CA LYS C 630 31.76 23.39 -7.14
C LYS C 630 32.81 22.48 -6.50
N GLY C 631 33.05 21.33 -7.11
CA GLY C 631 34.04 20.41 -6.59
C GLY C 631 33.54 19.40 -5.57
N LEU C 632 32.29 19.52 -5.16
CA LEU C 632 31.74 18.57 -4.19
C LEU C 632 31.50 17.22 -4.85
N LYS C 633 31.76 16.15 -4.12
CA LYS C 633 31.56 14.80 -4.64
C LYS C 633 30.31 14.15 -4.04
N HIS C 634 29.51 13.52 -4.89
CA HIS C 634 28.28 12.89 -4.47
C HIS C 634 28.48 11.45 -4.01
N GLY C 635 28.40 11.21 -2.70
CA GLY C 635 28.58 9.87 -2.17
C GLY C 635 29.00 9.85 -0.70
N TRP C 636 28.91 8.68 -0.06
CA TRP C 636 29.31 8.60 1.34
C TRP C 636 30.83 8.66 1.45
N ASP C 637 31.50 8.44 0.33
CA ASP C 637 32.96 8.51 0.29
C ASP C 637 33.30 9.89 -0.29
N GLY C 638 32.35 10.81 -0.18
CA GLY C 638 32.56 12.14 -0.71
C GLY C 638 32.14 13.24 0.24
N ASP C 639 31.34 14.18 -0.27
CA ASP C 639 30.90 15.32 0.52
C ASP C 639 29.40 15.39 0.83
N PHE C 640 28.58 14.96 -0.12
CA PHE C 640 27.13 14.97 0.09
C PHE C 640 26.47 13.75 -0.53
N ALA C 641 25.27 13.44 -0.06
CA ALA C 641 24.52 12.30 -0.58
C ALA C 641 23.02 12.51 -0.54
N TYR C 642 22.38 12.43 -1.71
CA TYR C 642 20.94 12.56 -1.79
C TYR C 642 20.39 11.37 -1.00
N MET C 643 19.44 11.63 -0.11
CA MET C 643 18.86 10.58 0.70
C MET C 643 17.39 10.40 0.34
N ALA C 644 16.72 11.51 0.04
CA ALA C 644 15.32 11.42 -0.33
C ALA C 644 14.83 12.63 -1.11
N TRP C 645 13.90 12.35 -2.03
CA TRP C 645 13.27 13.39 -2.82
C TRP C 645 11.77 13.18 -2.62
N VAL C 646 11.11 14.10 -1.94
CA VAL C 646 9.68 13.98 -1.69
C VAL C 646 8.88 15.13 -2.32
N HIS C 647 8.67 15.02 -3.63
CA HIS C 647 7.92 16.00 -4.43
C HIS C 647 8.57 17.37 -4.56
N ASP C 648 8.50 18.19 -3.53
CA ASP C 648 9.11 19.51 -3.61
C ASP C 648 10.15 19.73 -2.54
N GLU C 649 10.66 18.64 -1.97
CA GLU C 649 11.67 18.74 -0.93
C GLU C 649 12.74 17.67 -1.09
N ILE C 650 13.98 18.02 -0.74
CA ILE C 650 15.04 17.05 -0.80
C ILE C 650 15.71 17.05 0.56
N GLN C 651 16.23 15.90 0.94
CA GLN C 651 16.94 15.77 2.20
C GLN C 651 18.29 15.25 1.76
N VAL C 652 19.34 16.00 2.07
CA VAL C 652 20.69 15.63 1.68
C VAL C 652 21.66 15.45 2.84
N GLY C 653 22.39 14.34 2.84
CA GLY C 653 23.36 14.10 3.88
C GLY C 653 24.63 14.85 3.51
N CYS C 654 25.24 15.50 4.48
CA CYS C 654 26.47 16.27 4.24
C CYS C 654 27.54 15.87 5.25
N ARG C 655 28.78 15.81 4.78
CA ARG C 655 29.87 15.43 5.66
C ARG C 655 30.16 16.50 6.72
N THR C 656 29.87 17.76 6.40
CA THR C 656 30.13 18.85 7.34
C THR C 656 29.03 19.92 7.33
N GLU C 657 29.01 20.75 8.38
CA GLU C 657 28.02 21.80 8.46
C GLU C 657 28.24 22.78 7.32
N GLU C 658 29.51 23.04 7.02
CA GLU C 658 29.86 23.96 5.95
C GLU C 658 29.26 23.50 4.63
N ILE C 659 29.41 22.21 4.33
CA ILE C 659 28.87 21.67 3.09
C ILE C 659 27.33 21.77 3.11
N ALA C 660 26.73 21.48 4.25
CA ALA C 660 25.28 21.58 4.36
C ALA C 660 24.86 23.01 4.03
N GLN C 661 25.61 23.98 4.53
CA GLN C 661 25.28 25.38 4.27
C GLN C 661 25.39 25.63 2.76
N VAL C 662 26.36 25.00 2.11
CA VAL C 662 26.50 25.19 0.66
C VAL C 662 25.41 24.46 -0.12
N VAL C 663 24.99 23.29 0.37
CA VAL C 663 23.93 22.55 -0.28
C VAL C 663 22.67 23.40 -0.27
N ILE C 664 22.38 23.98 0.88
CA ILE C 664 21.20 24.82 1.04
C ILE C 664 21.24 26.06 0.15
N GLU C 665 22.38 26.73 0.10
CA GLU C 665 22.51 27.91 -0.74
C GLU C 665 22.44 27.55 -2.22
N THR C 666 23.07 26.45 -2.59
CA THR C 666 23.09 26.01 -3.97
C THR C 666 21.70 25.61 -4.43
N ALA C 667 20.93 25.00 -3.55
CA ALA C 667 19.57 24.59 -3.87
C ALA C 667 18.75 25.82 -4.27
N GLN C 668 18.91 26.91 -3.52
CA GLN C 668 18.19 28.16 -3.80
C GLN C 668 18.64 28.74 -5.14
N GLU C 669 19.95 28.66 -5.42
CA GLU C 669 20.46 29.17 -6.69
C GLU C 669 19.84 28.36 -7.84
N ALA C 670 19.82 27.04 -7.69
CA ALA C 670 19.26 26.15 -8.70
C ALA C 670 17.76 26.44 -8.96
N MET C 671 16.99 26.69 -7.91
CA MET C 671 15.57 26.96 -8.08
C MET C 671 15.37 28.23 -8.91
N ARG C 672 16.14 29.27 -8.60
CA ARG C 672 16.02 30.53 -9.33
C ARG C 672 16.47 30.30 -10.77
N TRP C 673 17.45 29.42 -10.95
CA TRP C 673 17.91 29.13 -12.30
C TRP C 673 16.77 28.45 -13.07
N VAL C 674 16.08 27.51 -12.43
CA VAL C 674 14.97 26.82 -13.08
C VAL C 674 13.90 27.83 -13.47
N GLY C 675 13.54 28.71 -12.55
CA GLY C 675 12.53 29.72 -12.83
C GLY C 675 12.89 30.57 -14.03
N ASP C 676 14.15 30.98 -14.10
CA ASP C 676 14.59 31.78 -15.24
C ASP C 676 14.60 30.94 -16.51
N HIS C 677 15.00 29.67 -16.37
CA HIS C 677 15.09 28.74 -17.49
C HIS C 677 13.80 28.59 -18.28
N TRP C 678 12.68 28.58 -17.58
CA TRP C 678 11.39 28.43 -18.26
C TRP C 678 10.55 29.70 -18.26
N ASN C 679 11.22 30.84 -18.16
CA ASN C 679 10.54 32.14 -18.17
C ASN C 679 9.33 32.16 -17.27
N PHE C 680 9.49 31.69 -16.04
CA PHE C 680 8.36 31.65 -15.13
C PHE C 680 7.93 33.05 -14.70
N ARG C 681 6.62 33.26 -14.68
CA ARG C 681 6.05 34.55 -14.32
C ARG C 681 5.92 34.79 -12.83
N CYS C 682 6.41 33.84 -12.04
CA CYS C 682 6.38 33.99 -10.59
C CYS C 682 7.77 33.60 -10.07
N LEU C 683 8.33 34.46 -9.22
CA LEU C 683 9.64 34.18 -8.66
C LEU C 683 9.54 32.87 -7.86
N LEU C 684 10.56 32.03 -7.98
CA LEU C 684 10.57 30.74 -7.29
C LEU C 684 11.54 30.78 -6.13
N ASP C 685 11.17 30.16 -5.03
CA ASP C 685 12.03 30.12 -3.84
C ASP C 685 12.05 28.79 -3.11
N THR C 686 13.04 28.63 -2.26
CA THR C 686 13.18 27.44 -1.46
C THR C 686 13.49 27.86 -0.02
N GLU C 687 13.25 26.96 0.91
CA GLU C 687 13.52 27.22 2.32
C GLU C 687 14.36 26.02 2.77
N GLY C 688 15.52 26.29 3.36
CA GLY C 688 16.38 25.22 3.80
C GLY C 688 16.63 25.19 5.29
N LYS C 689 16.92 24.01 5.81
CA LYS C 689 17.19 23.82 7.23
C LYS C 689 18.32 22.83 7.43
N MET C 690 19.22 23.16 8.34
CA MET C 690 20.33 22.28 8.64
C MET C 690 19.98 21.58 9.95
N GLY C 691 20.36 20.32 10.09
CA GLY C 691 20.04 19.61 11.32
C GLY C 691 20.54 18.18 11.28
N PRO C 692 20.34 17.42 12.37
CA PRO C 692 20.79 16.02 12.42
C PRO C 692 19.92 15.01 11.70
N ASN C 693 18.62 15.21 11.72
CA ASN C 693 17.70 14.28 11.10
C ASN C 693 16.50 14.93 10.42
N TRP C 694 15.55 14.10 9.97
CA TRP C 694 14.37 14.59 9.27
C TRP C 694 13.39 15.32 10.18
N ALA C 695 13.36 14.98 11.46
CA ALA C 695 12.45 15.64 12.39
C ALA C 695 12.77 17.12 12.52
N ILE C 696 14.06 17.44 12.50
CA ILE C 696 14.47 18.83 12.61
C ILE C 696 14.59 19.53 11.26
N CYS C 697 14.85 18.76 10.20
CA CYS C 697 15.01 19.37 8.88
C CYS C 697 13.78 19.52 7.98
N HIS C 698 12.58 19.47 8.54
CA HIS C 698 11.38 19.62 7.71
C HIS C 698 10.25 20.24 8.50
N LYS D 3 -41.13 -25.25 33.07
CA LYS D 3 -40.37 -26.07 34.06
C LYS D 3 -38.88 -26.06 33.74
N ILE D 4 -38.51 -25.41 32.65
CA ILE D 4 -37.11 -25.32 32.24
C ILE D 4 -36.41 -24.18 32.99
N ILE D 5 -35.11 -24.34 33.23
CA ILE D 5 -34.35 -23.32 33.93
C ILE D 5 -33.58 -22.43 32.96
N HIS D 6 -33.83 -21.14 33.03
CA HIS D 6 -33.16 -20.17 32.17
C HIS D 6 -31.88 -19.69 32.86
N LEU D 7 -30.75 -20.17 32.37
CA LEU D 7 -29.45 -19.83 32.97
C LEU D 7 -28.85 -18.51 32.51
N THR D 8 -27.85 -18.05 33.26
CA THR D 8 -27.10 -16.84 32.94
C THR D 8 -25.67 -17.24 33.23
N ASP D 9 -24.72 -16.47 32.73
CA ASP D 9 -23.32 -16.79 32.98
C ASP D 9 -23.05 -16.84 34.48
N ASP D 10 -23.56 -15.85 35.21
CA ASP D 10 -23.31 -15.78 36.65
C ASP D 10 -24.03 -16.81 37.50
N SER D 11 -25.06 -17.44 36.96
CA SER D 11 -25.80 -18.43 37.75
C SER D 11 -25.49 -19.85 37.29
N PHE D 12 -24.69 -19.97 36.24
CA PHE D 12 -24.35 -21.28 35.70
C PHE D 12 -23.59 -22.18 36.66
N ASP D 13 -22.62 -21.62 37.37
CA ASP D 13 -21.83 -22.39 38.32
C ASP D 13 -22.70 -23.08 39.38
N THR D 14 -23.55 -22.32 40.06
CA THR D 14 -24.37 -22.92 41.10
C THR D 14 -25.56 -23.73 40.58
N ASP D 15 -26.20 -23.29 39.50
CA ASP D 15 -27.35 -24.02 38.98
C ASP D 15 -27.00 -25.30 38.25
N VAL D 16 -25.79 -25.38 37.72
CA VAL D 16 -25.36 -26.56 36.98
C VAL D 16 -24.24 -27.33 37.66
N LEU D 17 -23.05 -26.73 37.71
CA LEU D 17 -21.89 -27.39 38.29
C LEU D 17 -22.06 -27.84 39.74
N LYS D 18 -23.02 -27.25 40.45
CA LYS D 18 -23.26 -27.62 41.84
C LYS D 18 -24.71 -28.01 42.07
N ALA D 19 -25.38 -28.39 40.99
CA ALA D 19 -26.78 -28.79 41.05
C ALA D 19 -27.00 -30.14 41.71
N ASP D 20 -25.98 -31.00 41.69
CA ASP D 20 -26.12 -32.33 42.29
C ASP D 20 -27.37 -33.01 41.73
N GLY D 21 -27.19 -33.69 40.60
CA GLY D 21 -28.28 -34.36 39.91
C GLY D 21 -28.00 -34.17 38.43
N ALA D 22 -28.76 -34.85 37.58
CA ALA D 22 -28.56 -34.73 36.14
C ALA D 22 -29.18 -33.44 35.61
N ILE D 23 -28.38 -32.64 34.93
CA ILE D 23 -28.86 -31.39 34.35
C ILE D 23 -28.52 -31.38 32.86
N LEU D 24 -29.53 -31.21 32.01
CA LEU D 24 -29.29 -31.17 30.58
C LEU D 24 -29.27 -29.71 30.13
N VAL D 25 -28.11 -29.23 29.70
CA VAL D 25 -27.97 -27.86 29.25
C VAL D 25 -27.99 -27.73 27.74
N ASP D 26 -28.82 -26.81 27.25
CA ASP D 26 -28.93 -26.57 25.83
C ASP D 26 -28.39 -25.20 25.49
N PHE D 27 -27.25 -25.16 24.79
CA PHE D 27 -26.65 -23.90 24.39
C PHE D 27 -27.28 -23.57 23.05
N TRP D 28 -28.01 -22.46 23.01
CA TRP D 28 -28.70 -22.06 21.79
C TRP D 28 -28.53 -20.57 21.45
N ALA D 29 -29.11 -20.21 20.31
CA ALA D 29 -29.06 -18.83 19.84
C ALA D 29 -30.33 -18.63 19.06
N GLU D 30 -30.90 -17.43 19.16
CA GLU D 30 -32.15 -17.11 18.48
C GLU D 30 -32.06 -17.22 16.96
N TRP D 31 -30.86 -17.10 16.40
CA TRP D 31 -30.65 -17.15 14.95
C TRP D 31 -30.28 -18.50 14.35
N CYS D 32 -30.50 -19.58 15.08
CA CYS D 32 -30.15 -20.91 14.58
C CYS D 32 -31.39 -21.74 14.24
N GLY D 33 -31.48 -22.20 13.00
CA GLY D 33 -32.61 -23.00 12.57
C GLY D 33 -32.81 -24.21 13.48
N PRO D 34 -31.81 -25.10 13.56
CA PRO D 34 -31.89 -26.29 14.41
C PRO D 34 -32.27 -25.99 15.87
N CYS D 35 -31.81 -24.85 16.40
CA CYS D 35 -32.13 -24.48 17.78
C CYS D 35 -33.63 -24.25 17.95
N LYS D 36 -34.25 -23.61 16.97
CA LYS D 36 -35.68 -23.36 17.03
C LYS D 36 -36.46 -24.67 16.91
N MET D 37 -35.88 -25.66 16.25
CA MET D 37 -36.53 -26.94 16.08
C MET D 37 -36.63 -27.73 17.37
N ILE D 38 -35.48 -27.89 18.03
CA ILE D 38 -35.40 -28.65 19.28
C ILE D 38 -36.03 -27.97 20.51
N ALA D 39 -36.31 -26.67 20.40
CA ALA D 39 -36.89 -25.93 21.52
C ALA D 39 -38.18 -26.56 22.03
N PRO D 40 -39.12 -26.87 21.13
CA PRO D 40 -40.38 -27.47 21.59
C PRO D 40 -40.17 -28.87 22.18
N ILE D 41 -39.18 -29.60 21.63
CA ILE D 41 -38.87 -30.94 22.12
C ILE D 41 -38.45 -30.85 23.58
N LEU D 42 -37.61 -29.85 23.88
CA LEU D 42 -37.10 -29.65 25.22
C LEU D 42 -38.21 -29.35 26.23
N ASP D 43 -39.20 -28.57 25.82
CA ASP D 43 -40.32 -28.22 26.70
C ASP D 43 -41.04 -29.46 27.17
N GLU D 44 -41.24 -30.39 26.26
CA GLU D 44 -41.92 -31.63 26.60
C GLU D 44 -41.02 -32.53 27.42
N ILE D 45 -39.74 -32.60 27.07
CA ILE D 45 -38.80 -33.43 27.80
C ILE D 45 -38.72 -32.97 29.25
N ALA D 46 -38.73 -31.65 29.45
CA ALA D 46 -38.65 -31.09 30.79
C ALA D 46 -39.72 -31.70 31.68
N ASP D 47 -40.95 -31.80 31.16
CA ASP D 47 -42.06 -32.37 31.92
C ASP D 47 -41.83 -33.86 32.19
N GLU D 48 -41.96 -34.68 31.15
CA GLU D 48 -41.78 -36.11 31.29
C GLU D 48 -40.67 -36.51 32.27
N TYR D 49 -39.47 -35.98 32.07
CA TYR D 49 -38.35 -36.34 32.94
C TYR D 49 -38.28 -35.58 34.25
N GLN D 50 -39.35 -34.86 34.57
CA GLN D 50 -39.40 -34.10 35.82
C GLN D 50 -39.20 -35.04 36.99
N GLY D 51 -38.16 -34.81 37.77
CA GLY D 51 -37.92 -35.67 38.91
C GLY D 51 -36.57 -36.34 38.81
N LYS D 52 -36.25 -36.85 37.62
CA LYS D 52 -34.96 -37.50 37.43
C LYS D 52 -34.05 -36.69 36.50
N LEU D 53 -34.53 -35.53 36.05
CA LEU D 53 -33.75 -34.67 35.17
C LEU D 53 -34.22 -33.21 35.14
N THR D 54 -33.25 -32.30 35.14
CA THR D 54 -33.54 -30.88 35.07
C THR D 54 -33.08 -30.36 33.71
N VAL D 55 -33.94 -29.63 33.01
CA VAL D 55 -33.59 -29.07 31.71
C VAL D 55 -33.34 -27.57 31.84
N ALA D 56 -32.13 -27.15 31.47
CA ALA D 56 -31.76 -25.75 31.53
C ALA D 56 -31.27 -25.26 30.16
N LYS D 57 -31.48 -23.98 29.89
CA LYS D 57 -31.05 -23.40 28.63
C LYS D 57 -30.16 -22.20 28.86
N LEU D 58 -29.14 -22.06 28.03
CA LEU D 58 -28.21 -20.94 28.12
C LEU D 58 -28.05 -20.32 26.74
N ASN D 59 -28.59 -19.11 26.59
CA ASN D 59 -28.50 -18.40 25.31
C ASN D 59 -27.09 -17.81 25.18
N ILE D 60 -26.31 -18.36 24.26
CA ILE D 60 -24.93 -17.93 24.06
C ILE D 60 -24.73 -16.48 23.66
N ASP D 61 -25.78 -15.81 23.21
CA ASP D 61 -25.66 -14.39 22.85
C ASP D 61 -25.73 -13.53 24.10
N GLN D 62 -26.71 -13.82 24.95
CA GLN D 62 -26.90 -13.05 26.18
C GLN D 62 -25.87 -13.45 27.23
N ASN D 63 -25.36 -14.68 27.12
CA ASN D 63 -24.36 -15.18 28.07
C ASN D 63 -23.21 -15.76 27.26
N PRO D 64 -22.25 -14.90 26.88
CA PRO D 64 -21.07 -15.26 26.09
C PRO D 64 -19.87 -15.83 26.82
N GLY D 65 -19.97 -16.02 28.13
CA GLY D 65 -18.83 -16.51 28.87
C GLY D 65 -18.71 -17.99 29.15
N THR D 66 -19.83 -18.71 29.19
CA THR D 66 -19.83 -20.14 29.50
C THR D 66 -19.43 -21.09 28.37
N ALA D 67 -20.11 -20.99 27.23
CA ALA D 67 -19.84 -21.87 26.09
C ALA D 67 -18.36 -22.09 25.78
N PRO D 68 -17.59 -20.99 25.63
CA PRO D 68 -16.16 -21.12 25.33
C PRO D 68 -15.45 -22.14 26.21
N LYS D 69 -15.76 -22.11 27.50
CA LYS D 69 -15.13 -23.04 28.42
C LYS D 69 -15.37 -24.49 28.02
N TYR D 70 -16.44 -24.73 27.27
CA TYR D 70 -16.78 -26.08 26.84
C TYR D 70 -16.52 -26.37 25.37
N GLY D 71 -15.75 -25.49 24.73
CA GLY D 71 -15.40 -25.67 23.34
C GLY D 71 -16.56 -25.82 22.35
N ILE D 72 -17.64 -25.10 22.61
CA ILE D 72 -18.80 -25.14 21.73
C ILE D 72 -18.35 -24.86 20.29
N ARG D 73 -18.70 -25.75 19.38
CA ARG D 73 -18.30 -25.60 17.99
C ARG D 73 -19.51 -25.56 17.07
N GLY D 74 -20.66 -25.97 17.60
CA GLY D 74 -21.88 -25.97 16.82
C GLY D 74 -23.09 -25.93 17.74
N ILE D 75 -24.22 -25.43 17.25
CA ILE D 75 -25.43 -25.36 18.05
C ILE D 75 -26.62 -25.90 17.27
N PRO D 76 -27.64 -26.39 17.99
CA PRO D 76 -27.73 -26.46 19.45
C PRO D 76 -26.82 -27.51 20.06
N THR D 77 -26.20 -27.18 21.18
CA THR D 77 -25.33 -28.14 21.87
C THR D 77 -26.01 -28.62 23.16
N LEU D 78 -26.15 -29.94 23.29
CA LEU D 78 -26.79 -30.54 24.46
C LEU D 78 -25.76 -31.20 25.37
N LEU D 79 -25.51 -30.60 26.52
CA LEU D 79 -24.56 -31.12 27.50
C LEU D 79 -25.29 -31.70 28.71
N LEU D 80 -24.97 -32.94 29.07
CA LEU D 80 -25.60 -33.57 30.22
C LEU D 80 -24.63 -33.55 31.40
N PHE D 81 -24.92 -32.70 32.40
CA PHE D 81 -24.05 -32.60 33.56
C PHE D 81 -24.52 -33.45 34.75
N LYS D 82 -23.54 -33.99 35.48
CA LYS D 82 -23.79 -34.81 36.66
C LYS D 82 -22.66 -34.52 37.64
N ASN D 83 -23.00 -33.88 38.74
CA ASN D 83 -22.02 -33.51 39.74
C ASN D 83 -20.88 -32.70 39.16
N GLY D 84 -21.22 -31.54 38.59
CA GLY D 84 -20.23 -30.66 38.01
C GLY D 84 -19.37 -31.21 36.88
N GLU D 85 -19.66 -32.44 36.46
CA GLU D 85 -18.90 -33.07 35.39
C GLU D 85 -19.76 -33.26 34.16
N VAL D 86 -19.18 -33.06 32.98
CA VAL D 86 -19.92 -33.28 31.74
C VAL D 86 -20.00 -34.79 31.59
N ALA D 87 -21.21 -35.34 31.65
CA ALA D 87 -21.39 -36.78 31.54
C ALA D 87 -21.47 -37.23 30.09
N ALA D 88 -22.19 -36.46 29.27
CA ALA D 88 -22.36 -36.79 27.87
C ALA D 88 -22.63 -35.54 27.04
N THR D 89 -22.17 -35.55 25.80
CA THR D 89 -22.38 -34.41 24.93
C THR D 89 -22.95 -34.86 23.59
N LYS D 90 -23.83 -34.04 23.01
CA LYS D 90 -24.45 -34.36 21.74
C LYS D 90 -24.85 -33.06 21.04
N VAL D 91 -24.45 -32.92 19.78
CA VAL D 91 -24.75 -31.71 19.01
C VAL D 91 -25.69 -31.99 17.86
N GLY D 92 -26.72 -31.16 17.72
CA GLY D 92 -27.68 -31.34 16.65
C GLY D 92 -29.11 -31.35 17.14
N ALA D 93 -30.04 -31.00 16.25
CA ALA D 93 -31.46 -30.96 16.59
C ALA D 93 -32.05 -32.36 16.59
N LEU D 94 -31.75 -33.14 17.62
CA LEU D 94 -32.27 -34.49 17.71
C LEU D 94 -33.79 -34.44 17.75
N SER D 95 -34.43 -35.58 17.58
CA SER D 95 -35.89 -35.64 17.61
C SER D 95 -36.31 -36.08 18.99
N LYS D 96 -37.61 -35.92 19.26
CA LYS D 96 -38.19 -36.30 20.55
C LYS D 96 -37.69 -37.69 20.93
N GLY D 97 -37.84 -38.65 20.01
CA GLY D 97 -37.40 -40.01 20.27
C GLY D 97 -35.91 -40.13 20.54
N GLN D 98 -35.11 -39.57 19.65
CA GLN D 98 -33.66 -39.61 19.78
C GLN D 98 -33.16 -38.98 21.08
N LEU D 99 -33.82 -37.93 21.52
CA LEU D 99 -33.43 -37.26 22.77
C LEU D 99 -33.70 -38.23 23.90
N LYS D 100 -34.95 -38.70 23.98
CA LYS D 100 -35.35 -39.67 25.00
C LYS D 100 -34.37 -40.81 25.03
N GLU D 101 -34.01 -41.31 23.84
CA GLU D 101 -33.07 -42.41 23.74
C GLU D 101 -31.75 -42.01 24.40
N PHE D 102 -31.26 -40.83 24.02
CA PHE D 102 -30.00 -40.31 24.57
C PHE D 102 -30.08 -40.14 26.08
N LEU D 103 -31.19 -39.60 26.56
CA LEU D 103 -31.37 -39.38 27.99
C LEU D 103 -31.42 -40.69 28.78
N ASP D 104 -32.36 -41.57 28.41
CA ASP D 104 -32.52 -42.84 29.10
C ASP D 104 -31.24 -43.65 29.15
N ALA D 105 -30.39 -43.48 28.15
CA ALA D 105 -29.13 -44.21 28.08
C ALA D 105 -28.05 -43.66 28.98
N ASN D 106 -28.19 -42.40 29.39
CA ASN D 106 -27.19 -41.78 30.25
C ASN D 106 -27.67 -41.51 31.67
N LEU D 107 -28.96 -41.69 31.90
CA LEU D 107 -29.54 -41.48 33.21
C LEU D 107 -29.61 -42.80 33.99
MG MG E . 6.63 23.10 -0.17
MG MG F . 6.92 20.36 0.89
MG MG G . 17.70 -6.64 -17.85
S SO4 H . 28.74 5.81 -8.06
O1 SO4 H . 28.41 5.48 -6.66
O2 SO4 H . 29.83 4.94 -8.53
O3 SO4 H . 29.17 7.22 -8.15
O4 SO4 H . 27.55 5.62 -8.90
S SO4 I . -0.07 1.10 -26.97
O1 SO4 I . -0.90 0.46 -27.99
O2 SO4 I . -0.68 2.38 -26.57
O3 SO4 I . 1.28 1.33 -27.51
O4 SO4 I . 0.02 0.24 -25.77
S SO4 J . -8.95 -2.18 34.85
O1 SO4 J . -9.07 -2.89 33.57
O2 SO4 J . -10.04 -1.20 34.99
O3 SO4 J . -7.64 -1.47 34.90
O4 SO4 J . -9.02 -3.16 35.96
PA D3T K . 3.56 21.37 0.40
O1A D3T K . 3.02 20.79 1.65
O2A D3T K . 5.03 21.50 0.23
O5' D3T K . 2.95 20.52 -0.81
C5' D3T K . 3.51 20.57 -2.11
C4' D3T K . 2.41 20.57 -3.16
O4' D3T K . 1.57 19.40 -2.99
C1' D3T K . 0.24 19.71 -3.36
N1 D3T K . -0.66 19.44 -2.21
C6 D3T K . -0.19 19.49 -0.91
C2 D3T K . -1.98 19.14 -2.49
O2 D3T K . -2.44 19.09 -3.61
N3 D3T K . -2.75 18.90 -1.38
C4 D3T K . -2.36 18.94 -0.06
O4 D3T K . -3.18 18.70 0.83
C5 D3T K . -0.97 19.26 0.16
C5M D3T K . -0.44 19.35 1.57
C2' D3T K . 0.22 21.16 -3.80
C3' D3T K . 1.43 21.73 -3.09
O3A D3T K . 2.86 22.77 0.12
PB D3T K . 3.56 24.15 -0.25
O1B D3T K . 2.56 25.05 -0.87
O2B D3T K . 4.85 23.90 -0.95
O3B D3T K . 3.83 24.63 1.25
PG D3T K . 5.25 25.03 1.88
O1G D3T K . 6.26 24.05 1.43
O2G D3T K . 5.48 26.48 1.65
O3G D3T K . 4.92 24.74 3.33
O1 MES L . 44.83 -4.95 -13.67
C2 MES L . 43.66 -5.48 -12.98
C3 MES L . 42.88 -6.43 -13.89
N4 MES L . 42.52 -5.74 -15.14
C5 MES L . 43.71 -5.21 -15.83
C6 MES L . 44.47 -4.28 -14.90
C7 MES L . 41.76 -6.65 -16.03
C8 MES L . 41.11 -5.99 -17.24
S MES L . 40.22 -7.13 -18.25
O1S MES L . 40.79 -6.95 -19.58
O2S MES L . 38.83 -6.77 -18.20
O3S MES L . 40.47 -8.48 -17.76
OH2 1PE M . 17.16 -6.97 -11.95
C12 1PE M . 17.52 -8.31 -12.37
C22 1PE M . 18.46 -8.99 -11.33
OH3 1PE M . 18.19 -10.43 -11.42
C13 1PE M . 18.08 -12.31 -9.98
C23 1PE M . 19.03 -11.23 -10.48
OH4 1PE M . 17.23 -11.68 -8.98
C14 1PE M . 15.41 -11.91 -7.40
C24 1PE M . 16.25 -12.63 -8.41
OH5 1PE M . 14.35 -11.32 -8.16
C15 1PE M . 12.38 -9.97 -8.10
C25 1PE M . 13.49 -10.58 -7.28
OH6 1PE M . 12.94 -9.39 -9.29
C16 1PE M . 13.19 -7.68 -10.87
C26 1PE M . 13.02 -7.97 -9.43
OH7 1PE M . 14.26 -6.75 -11.03
#